data_6ZWK
#
_entry.id   6ZWK
#
_cell.length_a   87.412
_cell.length_b   87.412
_cell.length_c   105.409
_cell.angle_alpha   90.000
_cell.angle_beta   90.000
_cell.angle_gamma   120.000
#
_symmetry.space_group_name_H-M   'P 31'
#
loop_
_entity.id
_entity.type
_entity.pdbx_description
1 polymer gammaXbody
2 polymer 'Histone H2AX'
3 non-polymer 'SODIUM ION'
4 non-polymer 'CHLORIDE ION'
5 water water
#
loop_
_entity_poly.entity_id
_entity_poly.type
_entity_poly.pdbx_seq_one_letter_code
_entity_poly.pdbx_strand_id
1 'polypeptide(L)'
;TEVQLVESGGGLVQAGDSLRLSCAASGLTFSRYAMGWFRQAPGNEREFVAVITASGRTTLYADSVKGRFTISRDNAKNTV
ALQMQSLKPEDTAVYYCAADYGTSRYTRRQSEYEYWGQGTQVTVSSAAATSMFQDPQERPRASAHHHHHH
;
A,B,C,D,E,F
2 'polypeptide(L)' CKATQA(SEP)QEY G,H,I,J,K,L
#
# COMPACT_ATOMS: atom_id res chain seq x y z
N THR A 1 2.54 16.31 6.97
CA THR A 1 3.67 15.89 7.84
C THR A 1 5.00 16.05 7.09
N GLU A 2 6.10 15.73 7.76
CA GLU A 2 7.41 15.75 7.13
C GLU A 2 7.64 14.55 6.21
N VAL A 3 6.91 13.46 6.43
CA VAL A 3 7.02 12.29 5.56
C VAL A 3 6.25 12.57 4.27
N GLN A 4 6.84 12.17 3.14
CA GLN A 4 6.20 12.30 1.84
C GLN A 4 6.52 11.08 1.00
N LEU A 5 5.49 10.45 0.45
CA LEU A 5 5.65 9.40 -0.56
C LEU A 5 5.04 9.92 -1.85
N VAL A 6 5.81 9.92 -2.93
CA VAL A 6 5.39 10.46 -4.21
C VAL A 6 5.49 9.38 -5.27
N GLU A 7 4.34 8.90 -5.74
CA GLU A 7 4.29 7.93 -6.82
C GLU A 7 4.39 8.61 -8.18
N SER A 8 5.01 7.90 -9.13
CA SER A 8 5.09 8.35 -10.51
C SER A 8 5.07 7.15 -11.44
N GLY A 9 4.96 7.42 -12.74
CA GLY A 9 5.08 6.40 -13.75
C GLY A 9 3.78 5.89 -14.31
N GLY A 10 2.63 6.37 -13.83
CA GLY A 10 1.36 5.95 -14.38
C GLY A 10 1.15 6.45 -15.80
N GLY A 11 0.09 5.95 -16.42
CA GLY A 11 -0.21 6.33 -17.78
C GLY A 11 -1.25 5.41 -18.38
N LEU A 12 -1.45 5.58 -19.69
CA LEU A 12 -2.43 4.83 -20.46
C LEU A 12 -1.70 3.83 -21.33
N VAL A 13 -2.11 2.56 -21.25
CA VAL A 13 -1.48 1.50 -22.02
C VAL A 13 -2.55 0.60 -22.63
N GLN A 14 -2.13 -0.19 -23.61
CA GLN A 14 -2.97 -1.19 -24.22
C GLN A 14 -2.79 -2.52 -23.49
N ALA A 15 -3.86 -3.30 -23.42
CA ALA A 15 -3.78 -4.62 -22.83
C ALA A 15 -2.60 -5.39 -23.40
N GLY A 16 -1.83 -6.01 -22.52
CA GLY A 16 -0.65 -6.73 -22.89
C GLY A 16 0.64 -5.95 -22.67
N ASP A 17 0.56 -4.63 -22.55
CA ASP A 17 1.73 -3.78 -22.41
C ASP A 17 2.27 -3.84 -20.97
N SER A 18 3.40 -3.16 -20.76
CA SER A 18 4.03 -3.07 -19.45
CA SER A 18 4.05 -3.06 -19.47
C SER A 18 4.17 -1.61 -19.03
N LEU A 19 4.38 -1.40 -17.74
CA LEU A 19 4.51 -0.08 -17.15
C LEU A 19 5.33 -0.25 -15.87
N ARG A 20 6.16 0.74 -15.54
CA ARG A 20 6.92 0.70 -14.30
C ARG A 20 6.55 1.90 -13.44
N LEU A 21 6.02 1.64 -12.25
CA LEU A 21 5.74 2.69 -11.28
C LEU A 21 6.92 2.84 -10.34
N SER A 22 7.08 4.04 -9.80
CA SER A 22 8.12 4.31 -8.83
C SER A 22 7.53 5.16 -7.71
N CYS A 23 8.09 5.02 -6.51
CA CYS A 23 7.71 5.88 -5.40
C CYS A 23 8.96 6.46 -4.78
N ALA A 24 9.01 7.78 -4.66
CA ALA A 24 10.12 8.46 -3.99
C ALA A 24 9.69 8.82 -2.57
N ALA A 25 10.41 8.31 -1.59
CA ALA A 25 10.07 8.51 -0.19
C ALA A 25 11.06 9.48 0.45
N SER A 26 10.54 10.42 1.24
CA SER A 26 11.37 11.34 1.99
C SER A 26 10.82 11.57 3.38
N GLY A 27 11.69 11.96 4.30
CA GLY A 27 11.26 12.32 5.64
C GLY A 27 11.09 11.15 6.57
N LEU A 28 11.65 10.00 6.24
CA LEU A 28 11.57 8.84 7.11
C LEU A 28 12.84 8.03 6.96
N THR A 29 13.07 7.15 7.92
CA THR A 29 14.21 6.23 7.89
C THR A 29 13.76 5.03 7.07
N PHE A 30 14.00 5.12 5.75
CA PHE A 30 13.37 4.27 4.77
C PHE A 30 13.68 2.80 5.00
N SER A 31 14.90 2.48 5.41
CA SER A 31 15.29 1.09 5.59
C SER A 31 14.62 0.43 6.78
N ARG A 32 13.80 1.15 7.53
CA ARG A 32 13.08 0.55 8.65
C ARG A 32 11.61 0.28 8.32
N TYR A 33 11.19 0.47 7.07
CA TYR A 33 9.79 0.31 6.71
C TYR A 33 9.59 -0.78 5.66
N ALA A 34 8.60 -1.63 5.88
CA ALA A 34 7.99 -2.38 4.80
C ALA A 34 7.26 -1.41 3.88
N MET A 35 7.35 -1.63 2.58
CA MET A 35 6.71 -0.76 1.60
C MET A 35 5.71 -1.58 0.80
N GLY A 36 4.48 -1.09 0.71
CA GLY A 36 3.43 -1.79 0.00
C GLY A 36 2.84 -0.95 -1.11
N TRP A 37 2.34 -1.63 -2.14
CA TRP A 37 1.53 -1.02 -3.17
C TRP A 37 0.09 -1.52 -3.03
N PHE A 38 -0.84 -0.59 -3.19
CA PHE A 38 -2.29 -0.81 -3.13
C PHE A 38 -2.90 -0.14 -4.34
N ARG A 39 -4.15 -0.49 -4.64
CA ARG A 39 -4.80 0.15 -5.78
C ARG A 39 -6.30 0.26 -5.51
N GLN A 40 -6.91 1.26 -6.13
CA GLN A 40 -8.34 1.47 -5.97
C GLN A 40 -8.94 1.90 -7.29
N ALA A 41 -9.91 1.17 -7.74
CA ALA A 41 -10.68 1.52 -8.92
C ALA A 41 -11.99 2.19 -8.50
N PRO A 42 -12.56 3.02 -9.38
CA PRO A 42 -13.80 3.71 -9.04
C PRO A 42 -14.87 2.74 -8.55
N GLY A 43 -15.56 3.13 -7.49
CA GLY A 43 -16.63 2.33 -6.93
C GLY A 43 -16.22 1.06 -6.24
N ASN A 44 -14.92 0.80 -6.07
CA ASN A 44 -14.43 -0.39 -5.40
C ASN A 44 -13.55 0.03 -4.22
N GLU A 45 -13.36 -0.90 -3.29
CA GLU A 45 -12.53 -0.65 -2.13
C GLU A 45 -11.06 -0.75 -2.51
N ARG A 46 -10.23 0.01 -1.80
CA ARG A 46 -8.79 -0.08 -2.00
CA ARG A 46 -8.79 -0.08 -1.98
C ARG A 46 -8.30 -1.47 -1.62
N GLU A 47 -7.40 -2.02 -2.42
CA GLU A 47 -6.96 -3.40 -2.21
C GLU A 47 -5.45 -3.56 -2.32
N PHE A 48 -4.98 -4.63 -1.67
CA PHE A 48 -3.58 -5.01 -1.66
C PHE A 48 -3.10 -5.49 -3.03
N VAL A 49 -1.89 -5.06 -3.38
CA VAL A 49 -1.20 -5.47 -4.60
C VAL A 49 0.10 -6.20 -4.31
N ALA A 50 1.00 -5.57 -3.54
CA ALA A 50 2.29 -6.17 -3.25
C ALA A 50 2.92 -5.49 -2.04
N VAL A 51 3.82 -6.21 -1.37
CA VAL A 51 4.62 -5.63 -0.29
C VAL A 51 6.02 -6.24 -0.31
N ILE A 52 6.97 -5.43 0.14
CA ILE A 52 8.37 -5.85 0.27
C ILE A 52 8.84 -5.45 1.67
N THR A 53 9.54 -6.38 2.34
CA THR A 53 9.99 -6.11 3.69
C THR A 53 11.07 -5.02 3.69
N ALA A 54 11.34 -4.49 4.88
CA ALA A 54 12.35 -3.45 5.05
C ALA A 54 13.69 -3.86 4.47
N SER A 55 14.09 -5.11 4.69
CA SER A 55 15.38 -5.63 4.20
C SER A 55 15.37 -5.90 2.71
N GLY A 56 14.18 -5.99 2.12
CA GLY A 56 14.04 -6.41 0.75
C GLY A 56 14.07 -7.91 0.53
N ARG A 57 14.24 -8.70 1.58
CA ARG A 57 14.48 -10.14 1.42
CA ARG A 57 14.48 -10.13 1.38
C ARG A 57 13.20 -10.94 1.19
N THR A 58 12.04 -10.35 1.39
CA THR A 58 10.76 -11.04 1.19
C THR A 58 9.82 -10.14 0.42
N THR A 59 9.12 -10.73 -0.55
CA THR A 59 8.06 -10.05 -1.29
C THR A 59 6.79 -10.90 -1.23
N LEU A 60 5.65 -10.23 -1.30
CA LEU A 60 4.36 -10.89 -1.33
C LEU A 60 3.49 -10.19 -2.34
N TYR A 61 2.77 -10.97 -3.17
CA TYR A 61 1.93 -10.46 -4.24
C TYR A 61 0.50 -10.94 -4.08
N ALA A 62 -0.46 -10.06 -4.37
CA ALA A 62 -1.84 -10.49 -4.54
C ALA A 62 -1.93 -11.59 -5.59
N ASP A 63 -2.84 -12.53 -5.38
CA ASP A 63 -3.01 -13.62 -6.34
C ASP A 63 -3.24 -13.11 -7.75
N SER A 64 -3.95 -11.98 -7.89
CA SER A 64 -4.29 -11.47 -9.22
C SER A 64 -3.10 -10.94 -10.00
N VAL A 65 -1.97 -10.67 -9.34
CA VAL A 65 -0.83 -10.08 -10.02
C VAL A 65 0.43 -10.93 -9.90
N LYS A 66 0.42 -11.98 -9.09
CA LYS A 66 1.56 -12.87 -8.97
C LYS A 66 1.95 -13.42 -10.34
N GLY A 67 3.25 -13.32 -10.66
CA GLY A 67 3.77 -13.73 -11.94
C GLY A 67 3.77 -12.64 -13.01
N ARG A 68 3.07 -11.55 -12.77
CA ARG A 68 3.07 -10.42 -13.70
C ARG A 68 3.73 -9.18 -13.14
N PHE A 69 3.54 -8.90 -11.85
CA PHE A 69 4.10 -7.72 -11.21
C PHE A 69 5.32 -8.10 -10.39
N THR A 70 6.28 -7.17 -10.30
CA THR A 70 7.50 -7.34 -9.53
C THR A 70 7.72 -6.09 -8.68
N ILE A 71 7.90 -6.27 -7.38
CA ILE A 71 8.17 -5.17 -6.45
C ILE A 71 9.63 -5.23 -6.05
N SER A 72 10.26 -4.05 -5.96
CA SER A 72 11.65 -3.97 -5.54
C SER A 72 11.86 -2.65 -4.83
N ARG A 73 12.97 -2.55 -4.11
CA ARG A 73 13.30 -1.30 -3.43
C ARG A 73 14.78 -0.99 -3.60
N ASP A 74 15.10 0.28 -3.44
CA ASP A 74 16.48 0.78 -3.53
C ASP A 74 16.70 1.60 -2.25
N ASN A 75 17.29 0.99 -1.22
CA ASN A 75 17.45 1.67 0.07
C ASN A 75 18.47 2.81 0.00
N ALA A 76 19.35 2.83 -1.00
CA ALA A 76 20.29 3.94 -1.12
C ALA A 76 19.64 5.18 -1.73
N LYS A 77 18.60 5.00 -2.54
CA LYS A 77 17.90 6.11 -3.17
CA LYS A 77 17.90 6.11 -3.17
C LYS A 77 16.53 6.36 -2.57
N ASN A 78 16.11 5.58 -1.59
CA ASN A 78 14.82 5.76 -0.93
C ASN A 78 13.68 5.67 -1.93
N THR A 79 13.72 4.64 -2.78
CA THR A 79 12.66 4.43 -3.75
C THR A 79 12.12 3.01 -3.70
N VAL A 80 10.86 2.88 -4.12
CA VAL A 80 10.22 1.59 -4.35
C VAL A 80 9.77 1.56 -5.79
N ALA A 81 9.82 0.38 -6.42
CA ALA A 81 9.35 0.22 -7.78
C ALA A 81 8.31 -0.88 -7.87
N LEU A 82 7.39 -0.74 -8.82
CA LEU A 82 6.42 -1.80 -9.14
C LEU A 82 6.44 -1.95 -10.67
N GLN A 83 7.07 -3.02 -11.13
CA GLN A 83 7.11 -3.34 -12.54
CA GLN A 83 7.11 -3.36 -12.54
C GLN A 83 5.85 -4.14 -12.87
N MET A 84 5.09 -3.66 -13.84
CA MET A 84 3.82 -4.28 -14.20
C MET A 84 3.91 -4.77 -15.63
N GLN A 85 3.63 -6.05 -15.84
CA GLN A 85 3.64 -6.61 -17.17
C GLN A 85 2.30 -7.25 -17.50
N SER A 86 2.10 -7.51 -18.78
CA SER A 86 0.89 -8.19 -19.25
C SER A 86 -0.35 -7.56 -18.64
N LEU A 87 -0.45 -6.24 -18.79
CA LEU A 87 -1.53 -5.50 -18.14
C LEU A 87 -2.88 -5.82 -18.80
N LYS A 88 -3.91 -5.80 -17.98
CA LYS A 88 -5.29 -6.12 -18.34
C LYS A 88 -6.19 -4.97 -17.96
N PRO A 89 -7.37 -4.86 -18.58
CA PRO A 89 -8.35 -3.86 -18.11
C PRO A 89 -8.63 -3.93 -16.62
N GLU A 90 -8.61 -5.13 -16.03
CA GLU A 90 -8.91 -5.24 -14.61
C GLU A 90 -7.82 -4.64 -13.74
N ASP A 91 -6.70 -4.22 -14.31
CA ASP A 91 -5.63 -3.57 -13.56
C ASP A 91 -5.79 -2.05 -13.50
N THR A 92 -6.76 -1.50 -14.24
CA THR A 92 -7.01 -0.06 -14.20
C THR A 92 -7.40 0.37 -12.80
N ALA A 93 -6.74 1.41 -12.30
CA ALA A 93 -6.90 1.86 -10.91
C ALA A 93 -5.93 3.01 -10.66
N VAL A 94 -6.19 3.73 -9.56
CA VAL A 94 -5.18 4.55 -8.91
C VAL A 94 -4.30 3.64 -8.04
N TYR A 95 -2.99 3.73 -8.24
CA TYR A 95 -2.04 2.92 -7.49
C TYR A 95 -1.36 3.77 -6.42
N TYR A 96 -1.35 3.25 -5.20
CA TYR A 96 -0.81 3.95 -4.04
C TYR A 96 0.37 3.18 -3.47
N CYS A 97 1.41 3.90 -3.07
CA CYS A 97 2.47 3.31 -2.27
C CYS A 97 2.31 3.77 -0.81
N ALA A 98 2.64 2.87 0.11
CA ALA A 98 2.44 3.08 1.54
C ALA A 98 3.58 2.48 2.34
N ALA A 99 3.83 3.04 3.53
CA ALA A 99 4.95 2.64 4.37
C ALA A 99 4.43 2.12 5.71
N ASP A 100 4.97 0.98 6.14
CA ASP A 100 4.61 0.33 7.40
C ASP A 100 5.87 0.22 8.26
N TYR A 101 5.93 0.97 9.35
CA TYR A 101 7.15 1.00 10.14
C TYR A 101 7.42 -0.33 10.83
N GLY A 102 8.62 -0.88 10.62
CA GLY A 102 9.00 -2.12 11.28
C GLY A 102 9.73 -3.09 10.38
N THR A 103 10.80 -3.68 10.90
CA THR A 103 11.60 -4.65 10.16
C THR A 103 11.08 -6.07 10.38
N SER A 104 11.43 -6.96 9.47
CA SER A 104 11.23 -8.39 9.57
C SER A 104 9.76 -8.80 9.55
N ARG A 105 8.90 -7.96 8.99
CA ARG A 105 7.49 -8.28 8.95
CA ARG A 105 7.47 -8.26 8.97
C ARG A 105 6.86 -7.63 7.73
N TYR A 106 5.68 -8.14 7.36
CA TYR A 106 4.95 -7.60 6.22
C TYR A 106 3.48 -7.97 6.38
N THR A 107 2.61 -7.09 5.90
CA THR A 107 1.17 -7.33 6.00
C THR A 107 0.42 -6.80 4.79
N ARG A 108 -0.71 -7.46 4.51
CA ARG A 108 -1.68 -7.00 3.53
C ARG A 108 -2.64 -5.95 4.08
N ARG A 109 -2.67 -5.77 5.39
CA ARG A 109 -3.71 -4.97 6.04
CA ARG A 109 -3.70 -4.98 6.06
C ARG A 109 -3.38 -3.49 5.97
N GLN A 110 -4.29 -2.73 5.34
CA GLN A 110 -4.04 -1.32 5.09
C GLN A 110 -3.99 -0.49 6.36
N SER A 111 -4.74 -0.88 7.39
CA SER A 111 -4.77 -0.11 8.63
C SER A 111 -3.39 0.00 9.26
N GLU A 112 -2.45 -0.87 8.87
CA GLU A 112 -1.16 -0.94 9.51
C GLU A 112 -0.13 -0.01 8.89
N TYR A 113 -0.45 0.63 7.77
CA TYR A 113 0.49 1.51 7.09
C TYR A 113 0.35 2.93 7.61
N GLU A 114 1.45 3.46 8.14
CA GLU A 114 1.44 4.78 8.75
C GLU A 114 1.34 5.90 7.71
N TYR A 115 1.93 5.71 6.52
CA TYR A 115 2.07 6.79 5.55
C TYR A 115 1.65 6.33 4.16
N TRP A 116 1.02 7.25 3.41
CA TRP A 116 0.41 6.96 2.12
C TRP A 116 0.76 8.04 1.10
N GLY A 117 1.08 7.63 -0.11
CA GLY A 117 1.21 8.58 -1.20
C GLY A 117 -0.15 9.00 -1.73
N GLN A 118 -0.15 9.96 -2.65
CA GLN A 118 -1.41 10.47 -3.19
C GLN A 118 -1.91 9.71 -4.41
N GLY A 119 -1.08 8.86 -5.00
CA GLY A 119 -1.54 7.92 -6.03
C GLY A 119 -1.16 8.35 -7.45
N THR A 120 -1.06 7.35 -8.34
CA THR A 120 -0.84 7.55 -9.77
C THR A 120 -1.80 6.66 -10.56
N GLN A 121 -2.38 7.23 -11.62
CA GLN A 121 -3.42 6.57 -12.40
C GLN A 121 -2.81 5.64 -13.44
N VAL A 122 -3.30 4.41 -13.48
CA VAL A 122 -2.94 3.43 -14.50
C VAL A 122 -4.23 3.03 -15.21
N THR A 123 -4.27 3.20 -16.53
CA THR A 123 -5.45 2.87 -17.32
C THR A 123 -5.06 1.94 -18.46
N VAL A 124 -5.75 0.82 -18.55
CA VAL A 124 -5.45 -0.23 -19.53
C VAL A 124 -6.65 -0.35 -20.47
N SER A 125 -6.42 -0.08 -21.75
CA SER A 125 -7.48 -0.14 -22.74
C SER A 125 -7.61 -1.54 -23.31
N SER A 126 -8.83 -1.92 -23.68
CA SER A 126 -9.04 -3.20 -24.34
C SER A 126 -8.28 -3.22 -25.66
N ALA A 127 -7.59 -4.33 -25.90
CA ALA A 127 -6.83 -4.52 -27.13
C ALA A 127 -7.76 -4.67 -28.33
N THR B 1 -3.80 -13.23 -24.80
CA THR B 1 -4.01 -12.94 -23.35
C THR B 1 -3.81 -14.21 -22.52
N GLU B 2 -3.42 -14.07 -21.26
CA GLU B 2 -3.33 -15.21 -20.37
CA GLU B 2 -3.33 -15.22 -20.36
C GLU B 2 -4.69 -15.60 -19.78
N VAL B 3 -5.75 -14.86 -20.11
CA VAL B 3 -7.09 -15.25 -19.70
C VAL B 3 -7.51 -16.46 -20.52
N GLN B 4 -8.05 -17.48 -19.85
CA GLN B 4 -8.54 -18.69 -20.51
C GLN B 4 -9.91 -19.05 -19.98
N LEU B 5 -10.89 -19.15 -20.87
CA LEU B 5 -12.21 -19.67 -20.55
C LEU B 5 -12.39 -20.97 -21.34
N VAL B 6 -12.61 -22.08 -20.64
CA VAL B 6 -12.67 -23.41 -21.26
C VAL B 6 -14.02 -24.04 -20.94
N GLU B 7 -14.88 -24.17 -21.96
CA GLU B 7 -16.17 -24.82 -21.80
C GLU B 7 -16.06 -26.33 -21.94
N SER B 8 -16.90 -27.04 -21.18
CA SER B 8 -16.98 -28.49 -21.25
C SER B 8 -18.42 -28.91 -21.02
N GLY B 9 -18.68 -30.20 -21.27
CA GLY B 9 -19.97 -30.78 -20.97
C GLY B 9 -20.88 -30.95 -22.16
N GLY B 10 -20.50 -30.50 -23.34
CA GLY B 10 -21.34 -30.66 -24.51
C GLY B 10 -21.42 -32.10 -24.96
N GLY B 11 -22.40 -32.38 -25.79
CA GLY B 11 -22.59 -33.73 -26.26
C GLY B 11 -23.84 -33.84 -27.12
N LEU B 12 -24.16 -35.07 -27.47
CA LEU B 12 -25.36 -35.40 -28.22
C LEU B 12 -26.40 -35.98 -27.27
N VAL B 13 -27.59 -35.40 -27.26
CA VAL B 13 -28.66 -35.90 -26.40
C VAL B 13 -29.95 -35.96 -27.21
N GLN B 14 -30.92 -36.67 -26.64
CA GLN B 14 -32.25 -36.77 -27.22
C GLN B 14 -33.14 -35.66 -26.70
N ALA B 15 -34.10 -35.23 -27.52
CA ALA B 15 -35.07 -34.24 -27.10
C ALA B 15 -35.73 -34.67 -25.79
N GLY B 16 -35.93 -33.71 -24.90
CA GLY B 16 -36.42 -33.99 -23.56
C GLY B 16 -35.34 -34.27 -22.53
N ASP B 17 -34.13 -34.59 -22.97
CA ASP B 17 -33.02 -34.88 -22.07
C ASP B 17 -32.46 -33.58 -21.49
N SER B 18 -31.54 -33.74 -20.55
CA SER B 18 -30.84 -32.61 -19.94
C SER B 18 -29.33 -32.76 -20.14
N LEU B 19 -28.62 -31.68 -19.85
CA LEU B 19 -27.17 -31.61 -20.05
C LEU B 19 -26.66 -30.48 -19.18
N ARG B 20 -25.47 -30.63 -18.60
CA ARG B 20 -24.87 -29.57 -17.79
C ARG B 20 -23.57 -29.13 -18.42
N LEU B 21 -23.50 -27.86 -18.80
CA LEU B 21 -22.26 -27.28 -19.30
C LEU B 21 -21.50 -26.63 -18.17
N SER B 22 -20.18 -26.56 -18.32
CA SER B 22 -19.34 -25.90 -17.35
C SER B 22 -18.28 -25.07 -18.06
N CYS B 23 -17.80 -24.04 -17.38
CA CYS B 23 -16.72 -23.21 -17.89
C CYS B 23 -15.71 -23.07 -16.77
N ALA B 24 -14.47 -23.42 -17.05
CA ALA B 24 -13.34 -23.20 -16.14
C ALA B 24 -12.62 -21.94 -16.60
N ALA B 25 -12.49 -20.97 -15.70
CA ALA B 25 -11.88 -19.70 -16.01
C ALA B 25 -10.55 -19.57 -15.28
N SER B 26 -9.55 -19.08 -15.99
CA SER B 26 -8.26 -18.80 -15.38
C SER B 26 -7.66 -17.53 -15.95
N GLY B 27 -6.75 -16.93 -15.18
CA GLY B 27 -6.01 -15.78 -15.63
C GLY B 27 -6.75 -14.48 -15.51
N LEU B 28 -7.83 -14.44 -14.72
CA LEU B 28 -8.57 -13.22 -14.45
C LEU B 28 -9.04 -13.28 -13.00
N THR B 29 -9.39 -12.12 -12.46
CA THR B 29 -10.00 -12.04 -11.15
C THR B 29 -11.51 -12.30 -11.29
N PHE B 30 -11.86 -13.59 -11.18
CA PHE B 30 -13.15 -14.11 -11.63
C PHE B 30 -14.32 -13.42 -10.94
N SER B 31 -14.17 -13.09 -9.66
CA SER B 31 -15.27 -12.50 -8.89
C SER B 31 -15.54 -11.05 -9.26
N ARG B 32 -14.80 -10.47 -10.19
CA ARG B 32 -15.04 -9.11 -10.66
CA ARG B 32 -15.04 -9.12 -10.65
C ARG B 32 -15.70 -9.08 -12.03
N TYR B 33 -16.10 -10.22 -12.56
CA TYR B 33 -16.70 -10.32 -13.89
C TYR B 33 -18.11 -10.91 -13.85
N ALA B 34 -19.03 -10.27 -14.58
CA ALA B 34 -20.25 -10.94 -14.98
C ALA B 34 -19.89 -12.02 -15.97
N MET B 35 -20.57 -13.17 -15.89
CA MET B 35 -20.30 -14.29 -16.77
C MET B 35 -21.57 -14.62 -17.56
N GLY B 36 -21.43 -14.69 -18.88
CA GLY B 36 -22.55 -14.96 -19.77
C GLY B 36 -22.36 -16.20 -20.61
N TRP B 37 -23.47 -16.84 -20.94
CA TRP B 37 -23.48 -17.89 -21.94
C TRP B 37 -24.18 -17.38 -23.20
N PHE B 38 -23.62 -17.72 -24.35
CA PHE B 38 -24.10 -17.38 -25.68
C PHE B 38 -24.10 -18.65 -26.51
N ARG B 39 -24.83 -18.64 -27.62
CA ARG B 39 -24.81 -19.81 -28.48
C ARG B 39 -24.95 -19.39 -29.94
N GLN B 40 -24.41 -20.23 -30.82
CA GLN B 40 -24.43 -19.96 -32.25
C GLN B 40 -24.63 -21.25 -33.00
N ALA B 41 -25.66 -21.31 -33.74
CA ALA B 41 -26.00 -22.38 -34.65
C ALA B 41 -25.58 -22.00 -36.06
N PRO B 42 -25.16 -22.96 -36.88
CA PRO B 42 -24.63 -22.61 -38.21
C PRO B 42 -25.62 -21.75 -38.99
N GLY B 43 -25.07 -20.77 -39.69
CA GLY B 43 -25.85 -19.84 -40.49
C GLY B 43 -26.53 -18.74 -39.72
N ASN B 44 -26.65 -18.86 -38.41
CA ASN B 44 -27.35 -17.88 -37.58
C ASN B 44 -26.34 -17.07 -36.77
N GLU B 45 -26.78 -15.92 -36.31
CA GLU B 45 -25.92 -15.06 -35.51
C GLU B 45 -25.81 -15.62 -34.09
N ARG B 46 -24.68 -15.33 -33.46
CA ARG B 46 -24.52 -15.66 -32.05
CA ARG B 46 -24.53 -15.68 -32.06
C ARG B 46 -25.56 -14.91 -31.23
N GLU B 47 -26.13 -15.58 -30.22
CA GLU B 47 -27.22 -14.98 -29.46
CA GLU B 47 -27.22 -14.99 -29.46
C GLU B 47 -27.04 -15.20 -27.96
N PHE B 48 -27.63 -14.29 -27.19
CA PHE B 48 -27.62 -14.37 -25.74
C PHE B 48 -28.45 -15.53 -25.24
N VAL B 49 -27.91 -16.21 -24.22
CA VAL B 49 -28.58 -17.31 -23.54
C VAL B 49 -28.84 -16.99 -22.06
N ALA B 50 -27.79 -16.60 -21.33
CA ALA B 50 -27.95 -16.30 -19.91
C ALA B 50 -26.75 -15.51 -19.40
N VAL B 51 -26.98 -14.79 -18.30
CA VAL B 51 -25.90 -14.09 -17.61
C VAL B 51 -26.14 -14.11 -16.11
N ILE B 52 -25.03 -14.10 -15.36
CA ILE B 52 -25.02 -14.05 -13.91
C ILE B 52 -24.04 -12.96 -13.47
N THR B 53 -24.47 -12.13 -12.53
CA THR B 53 -23.62 -11.05 -12.05
C THR B 53 -22.40 -11.61 -11.31
N ALA B 54 -21.42 -10.72 -11.10
CA ALA B 54 -20.19 -11.08 -10.42
C ALA B 54 -20.45 -11.71 -9.06
N SER B 55 -21.40 -11.15 -8.30
CA SER B 55 -21.74 -11.67 -6.98
C SER B 55 -22.51 -12.97 -7.03
N GLY B 56 -23.11 -13.30 -8.17
CA GLY B 56 -24.00 -14.43 -8.26
C GLY B 56 -25.42 -14.17 -7.79
N ARG B 57 -25.73 -12.94 -7.39
CA ARG B 57 -27.03 -12.68 -6.79
C ARG B 57 -28.15 -12.44 -7.79
N THR B 58 -27.82 -12.21 -9.07
CA THR B 58 -28.82 -11.92 -10.10
C THR B 58 -28.55 -12.76 -11.33
N THR B 59 -29.59 -13.31 -11.93
CA THR B 59 -29.49 -14.07 -13.17
C THR B 59 -30.50 -13.53 -14.17
N LEU B 60 -30.19 -13.67 -15.46
CA LEU B 60 -31.08 -13.26 -16.54
C LEU B 60 -31.02 -14.30 -17.64
N TYR B 61 -32.17 -14.66 -18.19
CA TYR B 61 -32.27 -15.68 -19.22
C TYR B 61 -32.95 -15.15 -20.46
N ALA B 62 -32.46 -15.57 -21.62
CA ALA B 62 -33.18 -15.34 -22.87
C ALA B 62 -34.57 -15.96 -22.82
N ASP B 63 -35.53 -15.30 -23.49
CA ASP B 63 -36.92 -15.78 -23.48
C ASP B 63 -37.02 -17.24 -23.93
N SER B 64 -36.17 -17.65 -24.88
CA SER B 64 -36.25 -18.99 -25.45
C SER B 64 -35.86 -20.08 -24.47
N VAL B 65 -35.10 -19.76 -23.43
CA VAL B 65 -34.57 -20.75 -22.51
C VAL B 65 -35.05 -20.54 -21.08
N LYS B 66 -35.67 -19.39 -20.79
CA LYS B 66 -36.16 -19.11 -19.45
C LYS B 66 -37.13 -20.19 -18.99
N GLY B 67 -36.89 -20.66 -17.77
CA GLY B 67 -37.64 -21.75 -17.20
C GLY B 67 -37.05 -23.12 -17.46
N ARG B 68 -36.17 -23.25 -18.46
CA ARG B 68 -35.50 -24.51 -18.74
C ARG B 68 -34.03 -24.52 -18.39
N PHE B 69 -33.34 -23.39 -18.50
CA PHE B 69 -31.91 -23.34 -18.22
C PHE B 69 -31.66 -22.64 -16.89
N THR B 70 -30.60 -23.06 -16.20
CA THR B 70 -30.21 -22.46 -14.92
C THR B 70 -28.72 -22.15 -14.95
N ILE B 71 -28.37 -20.90 -14.68
CA ILE B 71 -26.98 -20.46 -14.64
C ILE B 71 -26.58 -20.28 -13.19
N SER B 72 -25.33 -20.64 -12.88
CA SER B 72 -24.77 -20.49 -11.55
C SER B 72 -23.26 -20.32 -11.69
N ARG B 73 -22.62 -19.88 -10.62
CA ARG B 73 -21.18 -19.71 -10.61
C ARG B 73 -20.65 -20.08 -9.24
N ASP B 74 -19.38 -20.47 -9.19
CA ASP B 74 -18.67 -20.77 -7.94
C ASP B 74 -17.40 -19.92 -7.90
N ASN B 75 -17.43 -18.81 -7.16
CA ASN B 75 -16.30 -17.89 -7.18
C ASN B 75 -15.07 -18.46 -6.47
N ALA B 76 -15.27 -19.46 -5.60
CA ALA B 76 -14.13 -20.10 -4.96
C ALA B 76 -13.38 -21.01 -5.93
N LYS B 77 -14.06 -21.55 -6.94
CA LYS B 77 -13.48 -22.51 -7.86
C LYS B 77 -13.34 -21.98 -9.27
N ASN B 78 -13.75 -20.74 -9.52
CA ASN B 78 -13.61 -20.08 -10.82
C ASN B 78 -14.30 -20.89 -11.89
N THR B 79 -15.52 -21.32 -11.60
CA THR B 79 -16.34 -22.02 -12.58
C THR B 79 -17.68 -21.33 -12.75
N VAL B 80 -18.25 -21.52 -13.94
CA VAL B 80 -19.62 -21.16 -14.28
C VAL B 80 -20.30 -22.44 -14.75
N ALA B 81 -21.60 -22.56 -14.49
CA ALA B 81 -22.36 -23.73 -14.96
C ALA B 81 -23.62 -23.30 -15.69
N LEU B 82 -24.04 -24.09 -16.66
CA LEU B 82 -25.32 -23.92 -17.34
C LEU B 82 -26.03 -25.27 -17.34
N GLN B 83 -27.05 -25.41 -16.49
CA GLN B 83 -27.87 -26.61 -16.45
C GLN B 83 -29.03 -26.45 -17.43
N MET B 84 -29.20 -27.44 -18.31
CA MET B 84 -30.22 -27.34 -19.37
C MET B 84 -31.17 -28.52 -19.23
N GLN B 85 -32.43 -28.24 -18.96
CA GLN B 85 -33.46 -29.27 -18.91
C GLN B 85 -34.34 -29.19 -20.15
N SER B 86 -35.06 -30.28 -20.41
CA SER B 86 -36.09 -30.32 -21.45
C SER B 86 -35.54 -29.82 -22.78
N LEU B 87 -34.43 -30.39 -23.21
CA LEU B 87 -33.73 -29.88 -24.38
C LEU B 87 -34.52 -30.18 -25.66
N LYS B 88 -34.40 -29.27 -26.61
CA LYS B 88 -35.13 -29.30 -27.86
CA LYS B 88 -35.13 -29.32 -27.87
C LYS B 88 -34.16 -29.23 -29.02
N PRO B 89 -34.52 -29.75 -30.20
CA PRO B 89 -33.64 -29.60 -31.36
C PRO B 89 -33.26 -28.14 -31.64
N GLU B 90 -34.14 -27.19 -31.37
CA GLU B 90 -33.80 -25.79 -31.57
C GLU B 90 -32.71 -25.28 -30.63
N ASP B 91 -32.29 -26.09 -29.65
CA ASP B 91 -31.17 -25.74 -28.77
C ASP B 91 -29.81 -26.16 -29.32
N THR B 92 -29.77 -26.90 -30.43
CA THR B 92 -28.51 -27.29 -31.03
C THR B 92 -27.71 -26.06 -31.43
N ALA B 93 -26.44 -26.03 -31.02
CA ALA B 93 -25.57 -24.88 -31.24
C ALA B 93 -24.21 -25.14 -30.60
N VAL B 94 -23.23 -24.32 -30.98
CA VAL B 94 -22.01 -24.18 -30.17
C VAL B 94 -22.31 -23.20 -29.04
N TYR B 95 -21.98 -23.60 -27.81
CA TYR B 95 -22.25 -22.79 -26.63
C TYR B 95 -20.94 -22.19 -26.14
N TYR B 96 -20.96 -20.88 -25.90
CA TYR B 96 -19.79 -20.12 -25.49
C TYR B 96 -20.03 -19.47 -24.14
N CYS B 97 -18.99 -19.44 -23.30
CA CYS B 97 -19.02 -18.66 -22.08
C CYS B 97 -18.13 -17.44 -22.26
N ALA B 98 -18.53 -16.32 -21.68
CA ALA B 98 -17.84 -15.04 -21.87
C ALA B 98 -17.82 -14.26 -20.56
N ALA B 99 -16.80 -13.41 -20.42
CA ALA B 99 -16.63 -12.60 -19.22
C ALA B 99 -16.70 -11.11 -19.54
N ASP B 100 -17.45 -10.38 -18.69
CA ASP B 100 -17.68 -8.94 -18.80
C ASP B 100 -17.17 -8.28 -17.52
N TYR B 101 -16.10 -7.49 -17.61
CA TYR B 101 -15.50 -6.93 -16.40
C TYR B 101 -16.43 -5.89 -15.77
N GLY B 102 -16.79 -6.10 -14.51
CA GLY B 102 -17.58 -5.14 -13.76
C GLY B 102 -18.52 -5.83 -12.80
N THR B 103 -18.67 -5.30 -11.58
CA THR B 103 -19.60 -5.85 -10.61
C THR B 103 -20.92 -5.08 -10.65
N SER B 104 -21.96 -5.69 -10.06
CA SER B 104 -23.26 -5.06 -9.84
C SER B 104 -23.97 -4.69 -11.14
N ARG B 105 -23.70 -5.42 -12.23
CA ARG B 105 -24.35 -5.11 -13.49
C ARG B 105 -24.31 -6.34 -14.39
N TYR B 106 -25.15 -6.32 -15.43
CA TYR B 106 -25.19 -7.44 -16.36
C TYR B 106 -25.81 -6.97 -17.66
N THR B 107 -25.39 -7.57 -18.78
CA THR B 107 -25.95 -7.19 -20.07
C THR B 107 -26.11 -8.39 -20.99
N ARG B 108 -27.08 -8.27 -21.91
CA ARG B 108 -27.30 -9.25 -22.95
C ARG B 108 -26.34 -9.10 -24.14
N ARG B 109 -25.63 -7.98 -24.25
CA ARG B 109 -24.99 -7.60 -25.50
C ARG B 109 -23.58 -8.19 -25.57
N GLN B 110 -23.33 -9.00 -26.60
CA GLN B 110 -22.05 -9.67 -26.70
C GLN B 110 -20.90 -8.69 -26.91
N SER B 111 -21.19 -7.50 -27.44
CA SER B 111 -20.13 -6.52 -27.67
C SER B 111 -19.47 -6.06 -26.37
N GLU B 112 -20.14 -6.24 -25.23
CA GLU B 112 -19.63 -5.75 -23.96
C GLU B 112 -18.75 -6.75 -23.23
N TYR B 113 -18.59 -7.96 -23.75
CA TYR B 113 -17.81 -9.00 -23.09
C TYR B 113 -16.38 -8.99 -23.59
N GLU B 114 -15.41 -8.86 -22.67
CA GLU B 114 -14.03 -8.72 -23.11
CA GLU B 114 -14.00 -8.74 -23.04
C GLU B 114 -13.37 -10.08 -23.42
N TYR B 115 -13.78 -11.16 -22.76
CA TYR B 115 -13.13 -12.45 -22.96
C TYR B 115 -14.14 -13.52 -23.35
N TRP B 116 -13.70 -14.44 -24.25
CA TRP B 116 -14.54 -15.49 -24.83
C TRP B 116 -13.86 -16.85 -24.77
N GLY B 117 -14.63 -17.87 -24.41
CA GLY B 117 -14.19 -19.24 -24.57
C GLY B 117 -14.25 -19.68 -26.03
N GLN B 118 -13.78 -20.90 -26.28
CA GLN B 118 -13.73 -21.42 -27.64
C GLN B 118 -14.98 -22.18 -28.05
N GLY B 119 -15.83 -22.53 -27.10
CA GLY B 119 -17.13 -23.11 -27.42
C GLY B 119 -17.16 -24.62 -27.28
N THR B 120 -18.35 -25.14 -27.02
CA THR B 120 -18.59 -26.58 -26.89
C THR B 120 -19.89 -26.92 -27.62
N GLN B 121 -19.88 -28.00 -28.38
CA GLN B 121 -21.04 -28.35 -29.22
C GLN B 121 -22.10 -29.08 -28.41
N VAL B 122 -23.35 -28.67 -28.60
CA VAL B 122 -24.52 -29.34 -28.05
C VAL B 122 -25.44 -29.66 -29.24
N THR B 123 -25.82 -30.94 -29.37
CA THR B 123 -26.66 -31.39 -30.47
C THR B 123 -27.83 -32.17 -29.87
N VAL B 124 -29.05 -31.79 -30.25
CA VAL B 124 -30.26 -32.39 -29.72
C VAL B 124 -31.01 -33.03 -30.88
N SER B 125 -31.26 -34.34 -30.80
CA SER B 125 -31.96 -35.07 -31.83
C SER B 125 -33.45 -35.16 -31.54
N SER B 126 -34.21 -35.51 -32.59
CA SER B 126 -35.66 -35.69 -32.49
C SER B 126 -36.07 -36.73 -31.44
N ALA B 127 -37.31 -36.64 -30.98
N THR C 1 28.38 1.07 41.78
CA THR C 1 28.55 2.19 40.80
C THR C 1 28.30 3.54 41.47
N GLU C 2 29.38 4.27 41.76
CA GLU C 2 29.24 5.62 42.29
C GLU C 2 28.86 6.62 41.21
N VAL C 3 29.16 6.33 39.95
CA VAL C 3 28.68 7.14 38.84
C VAL C 3 27.23 6.77 38.55
N GLN C 4 26.36 7.77 38.46
CA GLN C 4 24.96 7.55 38.17
CA GLN C 4 24.96 7.55 38.17
C GLN C 4 24.49 8.52 37.09
N LEU C 5 23.90 7.98 36.03
CA LEU C 5 23.23 8.78 35.01
C LEU C 5 21.76 8.35 35.04
N VAL C 6 20.86 9.28 35.36
CA VAL C 6 19.45 8.95 35.54
C VAL C 6 18.64 9.75 34.53
N GLU C 7 18.05 9.03 33.55
CA GLU C 7 17.24 9.64 32.50
C GLU C 7 15.80 9.77 32.98
N SER C 8 15.14 10.84 32.53
CA SER C 8 13.74 11.05 32.84
C SER C 8 13.07 11.75 31.67
N GLY C 9 11.75 11.80 31.73
CA GLY C 9 10.99 12.58 30.77
C GLY C 9 10.28 11.79 29.70
N GLY C 10 10.49 10.48 29.64
CA GLY C 10 9.81 9.69 28.64
C GLY C 10 8.32 9.59 28.89
N GLY C 11 7.61 9.17 27.85
CA GLY C 11 6.17 9.08 27.95
C GLY C 11 5.62 8.58 26.63
N LEU C 12 4.31 8.42 26.60
CA LEU C 12 3.60 8.04 25.39
C LEU C 12 2.93 9.28 24.84
N VAL C 13 3.25 9.66 23.60
CA VAL C 13 2.71 10.85 22.97
C VAL C 13 2.13 10.48 21.62
N GLN C 14 1.35 11.41 21.07
CA GLN C 14 0.83 11.30 19.72
C GLN C 14 1.87 11.76 18.71
N ALA C 15 1.87 11.13 17.54
CA ALA C 15 2.73 11.58 16.46
C ALA C 15 2.53 13.06 16.18
N GLY C 16 3.64 13.78 16.03
CA GLY C 16 3.63 15.22 15.89
C GLY C 16 3.84 15.99 17.18
N ASP C 17 3.74 15.31 18.33
CA ASP C 17 3.91 15.98 19.61
CA ASP C 17 3.91 15.97 19.61
C ASP C 17 5.39 16.13 19.93
N SER C 18 5.67 16.75 21.07
CA SER C 18 7.03 16.96 21.53
C SER C 18 7.21 16.37 22.93
N LEU C 19 8.47 16.12 23.28
CA LEU C 19 8.86 15.65 24.60
C LEU C 19 10.23 16.22 24.90
N ARG C 20 10.55 16.38 26.18
CA ARG C 20 11.88 16.77 26.61
C ARG C 20 12.42 15.74 27.59
N LEU C 21 13.50 15.06 27.19
CA LEU C 21 14.20 14.14 28.09
C LEU C 21 15.27 14.88 28.86
N SER C 22 15.58 14.38 30.05
CA SER C 22 16.66 14.94 30.86
C SER C 22 17.48 13.81 31.43
N CYS C 23 18.74 14.10 31.70
CA CYS C 23 19.60 13.15 32.40
C CYS C 23 20.31 13.90 33.51
N ALA C 24 20.19 13.40 34.72
CA ALA C 24 20.91 13.93 35.89
C ALA C 24 22.11 13.03 36.12
N ALA C 25 23.30 13.64 36.13
CA ALA C 25 24.56 12.93 36.26
C ALA C 25 25.17 13.23 37.62
N SER C 26 25.72 12.21 38.25
CA SER C 26 26.39 12.38 39.53
C SER C 26 27.54 11.38 39.64
N GLY C 27 28.48 11.68 40.52
CA GLY C 27 29.61 10.81 40.71
C GLY C 27 30.75 10.98 39.73
N LEU C 28 30.71 11.98 38.87
CA LEU C 28 31.79 12.23 37.92
C LEU C 28 31.99 13.74 37.75
N THR C 29 33.17 14.11 37.24
CA THR C 29 33.45 15.50 36.88
C THR C 29 32.80 15.78 35.54
N PHE C 30 31.55 16.23 35.59
CA PHE C 30 30.67 16.30 34.42
C PHE C 30 31.29 17.08 33.27
N SER C 31 31.96 18.19 33.56
CA SER C 31 32.56 19.05 32.55
C SER C 31 33.72 18.41 31.82
N ARG C 32 34.11 17.21 32.18
CA ARG C 32 35.20 16.52 31.50
C ARG C 32 34.70 15.43 30.55
N TYR C 33 33.39 15.34 30.32
CA TYR C 33 32.82 14.25 29.53
C TYR C 33 31.95 14.80 28.41
N ALA C 34 32.13 14.26 27.21
CA ALA C 34 31.11 14.37 26.18
C ALA C 34 29.90 13.54 26.61
N MET C 35 28.70 14.04 26.31
CA MET C 35 27.47 13.37 26.72
C MET C 35 26.67 13.01 25.47
N GLY C 36 26.26 11.75 25.38
CA GLY C 36 25.54 11.26 24.20
C GLY C 36 24.19 10.68 24.55
N TRP C 37 23.27 10.79 23.60
CA TRP C 37 22.00 10.09 23.67
C TRP C 37 21.99 8.99 22.62
N PHE C 38 21.51 7.81 23.03
CA PHE C 38 21.37 6.64 22.18
C PHE C 38 19.96 6.11 22.38
N ARG C 39 19.53 5.22 21.49
CA ARG C 39 18.19 4.64 21.64
C ARG C 39 18.18 3.21 21.15
N GLN C 40 17.29 2.40 21.73
CA GLN C 40 17.16 0.99 21.37
C GLN C 40 15.69 0.61 21.38
N ALA C 41 15.20 0.28 20.25
N ALA C 41 15.19 0.19 20.23
CA ALA C 41 13.87 -0.30 20.05
CA ALA C 41 13.86 -0.36 20.11
C ALA C 41 13.99 -1.81 19.90
C ALA C 41 13.85 -1.85 20.42
N PRO C 42 13.00 -2.56 20.37
N PRO C 42 12.72 -2.39 20.91
CA PRO C 42 13.05 -4.02 20.19
CA PRO C 42 12.71 -3.75 21.44
C PRO C 42 13.22 -4.39 18.71
C PRO C 42 13.38 -4.77 20.52
N GLY C 43 14.04 -5.40 18.47
N GLY C 43 14.38 -5.48 21.05
CA GLY C 43 14.32 -5.90 17.15
CA GLY C 43 15.05 -6.51 20.28
C GLY C 43 15.51 -5.27 16.46
C GLY C 43 15.83 -6.00 19.10
N ASN C 44 15.79 -4.01 16.76
N ASN C 44 16.23 -4.74 19.11
CA ASN C 44 16.88 -3.26 16.13
CA ASN C 44 16.96 -4.14 18.00
C ASN C 44 17.96 -2.99 17.17
C ASN C 44 18.32 -3.66 18.50
N GLU C 45 19.15 -2.65 16.68
N GLU C 45 19.13 -3.16 17.56
CA GLU C 45 20.29 -2.46 17.56
CA GLU C 45 20.46 -2.67 17.88
C GLU C 45 20.23 -1.07 18.21
C GLU C 45 20.37 -1.25 18.42
N ARG C 46 20.93 -0.96 19.34
N ARG C 46 21.13 -0.98 19.48
CA ARG C 46 21.14 0.34 19.96
CA ARG C 46 21.20 0.36 20.02
C ARG C 46 21.87 1.26 19.00
C ARG C 46 21.93 1.28 19.04
N GLU C 47 21.42 2.51 18.91
CA GLU C 47 21.92 3.41 17.88
C GLU C 47 22.09 4.83 18.40
N PHE C 48 23.02 5.51 17.74
CA PHE C 48 23.35 6.90 18.04
C PHE C 48 22.18 7.82 17.73
N VAL C 49 21.96 8.79 18.62
CA VAL C 49 20.96 9.83 18.44
C VAL C 49 21.59 11.21 18.40
N ALA C 50 22.42 11.55 19.39
CA ALA C 50 23.02 12.89 19.46
C ALA C 50 24.18 12.88 20.45
N VAL C 51 25.10 13.81 20.28
CA VAL C 51 26.18 14.00 21.25
C VAL C 51 26.52 15.47 21.36
N ILE C 52 26.99 15.88 22.54
CA ILE C 52 27.43 17.24 22.82
C ILE C 52 28.79 17.16 23.51
N THR C 53 29.73 17.99 23.07
CA THR C 53 31.07 17.99 23.66
C THR C 53 31.03 18.43 25.11
N ALA C 54 32.13 18.15 25.81
CA ALA C 54 32.27 18.55 27.22
C ALA C 54 32.01 20.04 27.40
N SER C 55 32.52 20.87 26.48
CA SER C 55 32.35 22.32 26.57
C SER C 55 30.94 22.77 26.25
N GLY C 56 30.18 21.95 25.53
CA GLY C 56 28.88 22.35 25.04
C GLY C 56 28.91 23.06 23.71
N ARG C 57 30.09 23.26 23.11
CA ARG C 57 30.19 24.13 21.96
C ARG C 57 29.83 23.45 20.65
N THR C 58 29.82 22.13 20.61
CA THR C 58 29.56 21.37 19.39
C THR C 58 28.51 20.32 19.67
N THR C 59 27.56 20.18 18.75
CA THR C 59 26.55 19.13 18.82
C THR C 59 26.55 18.38 17.49
N LEU C 60 26.14 17.12 17.55
CA LEU C 60 26.05 16.26 16.38
C LEU C 60 24.79 15.42 16.52
N TYR C 61 24.06 15.26 15.40
CA TYR C 61 22.79 14.56 15.38
C TYR C 61 22.80 13.46 14.33
N ALA C 62 22.20 12.33 14.67
CA ALA C 62 21.90 11.32 13.66
C ALA C 62 21.06 11.92 12.55
N ASP C 63 21.29 11.45 11.32
CA ASP C 63 20.54 11.97 10.18
C ASP C 63 19.03 11.90 10.40
N SER C 64 18.55 10.84 11.06
CA SER C 64 17.10 10.65 11.17
C SER C 64 16.44 11.62 12.14
N VAL C 65 17.20 12.29 13.00
CA VAL C 65 16.63 13.21 13.98
C VAL C 65 17.09 14.63 13.81
N LYS C 66 18.09 14.87 12.96
CA LYS C 66 18.60 16.21 12.73
C LYS C 66 17.49 17.14 12.26
N GLY C 67 17.38 18.31 12.91
CA GLY C 67 16.33 19.25 12.65
C GLY C 67 15.13 19.11 13.57
N ARG C 68 14.95 17.95 14.19
CA ARG C 68 13.84 17.73 15.11
C ARG C 68 14.27 17.62 16.56
N PHE C 69 15.46 17.11 16.83
CA PHE C 69 15.94 16.94 18.19
C PHE C 69 17.01 17.98 18.50
N THR C 70 17.05 18.42 19.75
CA THR C 70 18.04 19.41 20.22
C THR C 70 18.69 18.92 21.53
N ILE C 71 20.03 18.80 21.52
CA ILE C 71 20.78 18.38 22.70
C ILE C 71 21.41 19.61 23.34
N SER C 72 21.41 19.64 24.67
CA SER C 72 22.08 20.70 25.42
C SER C 72 22.55 20.13 26.75
N ARG C 73 23.40 20.87 27.43
CA ARG C 73 23.87 20.47 28.74
C ARG C 73 23.98 21.69 29.64
N ASP C 74 23.99 21.46 30.94
CA ASP C 74 24.23 22.51 31.93
C ASP C 74 25.31 22.02 32.88
N ASN C 75 26.54 22.47 32.65
CA ASN C 75 27.67 21.97 33.44
C ASN C 75 27.60 22.44 34.89
N ALA C 76 26.80 23.47 35.18
CA ALA C 76 26.65 23.94 36.55
C ALA C 76 25.67 23.08 37.34
N LYS C 77 24.75 22.39 36.66
CA LYS C 77 23.74 21.58 37.30
C LYS C 77 23.89 20.10 36.98
N ASN C 78 24.92 19.72 36.21
CA ASN C 78 25.19 18.32 35.89
C ASN C 78 24.01 17.65 35.21
N THR C 79 23.38 18.35 34.27
CA THR C 79 22.29 17.79 33.51
C THR C 79 22.54 17.85 32.00
N VAL C 80 21.93 16.91 31.29
CA VAL C 80 21.84 16.89 29.84
C VAL C 80 20.36 16.92 29.48
N ALA C 81 20.03 17.54 28.35
CA ALA C 81 18.65 17.57 27.87
C ALA C 81 18.60 17.12 26.42
N LEU C 82 17.47 16.50 26.04
CA LEU C 82 17.15 16.19 24.65
C LEU C 82 15.71 16.64 24.40
N GLN C 83 15.56 17.75 23.70
CA GLN C 83 14.27 18.26 23.26
C GLN C 83 13.91 17.58 21.94
N MET C 84 12.72 17.01 21.88
CA MET C 84 12.28 16.26 20.72
C MET C 84 11.00 16.90 20.21
N GLN C 85 11.03 17.40 18.97
CA GLN C 85 9.85 17.95 18.33
CA GLN C 85 9.85 17.95 18.33
C GLN C 85 9.42 17.05 17.17
N SER C 86 8.17 17.21 16.76
CA SER C 86 7.62 16.49 15.61
C SER C 86 7.91 15.00 15.67
N LEU C 87 7.56 14.38 16.80
CA LEU C 87 7.88 12.98 17.01
C LEU C 87 7.13 12.09 16.02
N LYS C 88 7.78 11.00 15.63
CA LYS C 88 7.24 10.02 14.69
C LYS C 88 7.20 8.65 15.34
N PRO C 89 6.32 7.75 14.88
CA PRO C 89 6.38 6.36 15.38
C PRO C 89 7.76 5.73 15.30
N GLU C 90 8.57 6.07 14.28
CA GLU C 90 9.90 5.49 14.19
C GLU C 90 10.84 5.95 15.30
N ASP C 91 10.42 6.91 16.12
CA ASP C 91 11.23 7.39 17.25
C ASP C 91 10.97 6.59 18.53
N THR C 92 10.03 5.64 18.52
CA THR C 92 9.73 4.82 19.69
C THR C 92 10.94 3.97 20.06
N ALA C 93 11.34 4.04 21.33
CA ALA C 93 12.53 3.34 21.81
C ALA C 93 12.76 3.67 23.28
N VAL C 94 13.61 2.87 23.92
CA VAL C 94 14.24 3.29 25.17
C VAL C 94 15.40 4.22 24.83
N TYR C 95 15.45 5.39 25.46
CA TYR C 95 16.49 6.37 25.23
C TYR C 95 17.47 6.38 26.39
N TYR C 96 18.76 6.30 26.06
CA TYR C 96 19.84 6.20 27.02
C TYR C 96 20.75 7.41 26.91
N CYS C 97 21.22 7.91 28.04
CA CYS C 97 22.26 8.93 28.05
C CYS C 97 23.56 8.27 28.53
N ALA C 98 24.68 8.71 27.96
CA ALA C 98 25.96 8.08 28.21
C ALA C 98 27.08 9.12 28.25
N ALA C 99 28.17 8.79 28.96
CA ALA C 99 29.28 9.69 29.18
C ALA C 99 30.57 9.14 28.57
N ASP C 100 31.29 9.99 27.82
CA ASP C 100 32.56 9.66 27.17
C ASP C 100 33.64 10.59 27.72
N TYR C 101 34.59 10.03 28.47
CA TYR C 101 35.58 10.85 29.15
C TYR C 101 36.52 11.50 28.14
N GLY C 102 36.58 12.82 28.16
CA GLY C 102 37.47 13.54 27.27
C GLY C 102 36.87 14.84 26.75
N THR C 103 37.70 15.88 26.65
CA THR C 103 37.27 17.17 26.14
C THR C 103 37.67 17.34 24.67
N SER C 104 37.02 18.29 24.02
CA SER C 104 37.35 18.69 22.65
C SER C 104 37.16 17.56 21.64
N ARG C 105 36.29 16.60 21.92
CA ARG C 105 36.05 15.52 20.97
CA ARG C 105 36.05 15.52 20.97
C ARG C 105 34.66 14.97 21.18
N TYR C 106 34.17 14.24 20.17
CA TYR C 106 32.86 13.60 20.23
C TYR C 106 32.84 12.43 19.25
N THR C 107 32.08 11.38 19.59
CA THR C 107 31.96 10.24 18.69
C THR C 107 30.54 9.69 18.69
N ARG C 108 30.17 9.10 17.55
CA ARG C 108 28.91 8.38 17.43
C ARG C 108 28.96 6.98 18.00
N ARG C 109 30.16 6.46 18.29
CA ARG C 109 30.37 5.04 18.55
CA ARG C 109 30.32 5.03 18.54
C ARG C 109 30.05 4.71 20.00
N GLN C 110 29.06 3.83 20.22
CA GLN C 110 28.65 3.55 21.59
C GLN C 110 29.74 2.83 22.37
N SER C 111 30.64 2.11 21.69
CA SER C 111 31.70 1.40 22.39
C SER C 111 32.63 2.35 23.15
N GLU C 112 32.63 3.63 22.81
CA GLU C 112 33.57 4.58 23.39
C GLU C 112 33.06 5.27 24.64
N TYR C 113 31.82 5.00 25.06
CA TYR C 113 31.23 5.63 26.23
C TYR C 113 31.41 4.73 27.43
N GLU C 114 31.97 5.28 28.50
CA GLU C 114 32.33 4.50 29.67
CA GLU C 114 32.32 4.49 29.67
C GLU C 114 31.18 4.31 30.66
N TYR C 115 30.25 5.27 30.73
CA TYR C 115 29.16 5.21 31.69
C TYR C 115 27.83 5.35 30.98
N TRP C 116 26.85 4.56 31.42
CA TRP C 116 25.53 4.50 30.80
C TRP C 116 24.42 4.63 31.83
N GLY C 117 23.37 5.35 31.45
CA GLY C 117 22.14 5.33 32.22
C GLY C 117 21.34 4.08 31.89
N GLN C 118 20.22 3.93 32.59
N GLN C 118 20.24 3.94 32.63
CA GLN C 118 19.38 2.76 32.41
CA GLN C 118 19.35 2.80 32.49
C GLN C 118 18.15 3.02 31.54
C GLN C 118 18.28 3.01 31.43
N GLY C 119 17.97 4.25 31.10
CA GLY C 119 17.04 4.57 30.01
C GLY C 119 15.71 5.10 30.50
N THR C 120 14.98 5.66 29.52
CA THR C 120 13.62 6.16 29.71
C THR C 120 12.86 5.85 28.42
N GLN C 121 11.63 5.37 28.57
CA GLN C 121 10.87 4.89 27.43
C GLN C 121 10.12 6.03 26.73
N VAL C 122 10.25 6.08 25.40
CA VAL C 122 9.49 7.01 24.56
C VAL C 122 8.66 6.17 23.61
N THR C 123 7.35 6.42 23.58
CA THR C 123 6.44 5.71 22.70
C THR C 123 5.62 6.74 21.93
N VAL C 124 5.63 6.64 20.61
CA VAL C 124 4.95 7.59 19.74
C VAL C 124 3.88 6.82 18.99
N SER C 125 2.62 7.15 19.25
CA SER C 125 1.49 6.43 18.69
C SER C 125 1.01 7.11 17.41
N SER C 126 0.60 6.30 16.44
CA SER C 126 -0.01 6.82 15.24
C SER C 126 -1.52 6.67 15.24
N ALA C 127 -2.10 6.28 16.37
CA ALA C 127 -3.55 6.11 16.45
C ALA C 127 -4.26 7.46 16.36
N ALA C 128 -5.46 7.44 15.76
CA ALA C 128 -6.25 8.66 15.59
C ALA C 128 -6.38 9.44 16.90
N THR D 1 -14.46 -16.88 3.28
CA THR D 1 -15.90 -16.66 3.64
C THR D 1 -16.33 -15.25 3.26
N GLU D 2 -17.61 -15.09 2.90
CA GLU D 2 -18.17 -13.78 2.62
C GLU D 2 -18.58 -13.04 3.88
N VAL D 3 -18.43 -13.66 5.06
CA VAL D 3 -18.70 -12.98 6.31
C VAL D 3 -17.62 -11.93 6.54
N GLN D 4 -18.04 -10.72 6.92
CA GLN D 4 -17.12 -9.64 7.24
C GLN D 4 -17.58 -8.95 8.51
N LEU D 5 -16.67 -8.85 9.49
CA LEU D 5 -16.86 -8.05 10.67
C LEU D 5 -15.84 -6.92 10.62
N VAL D 6 -16.30 -5.68 10.67
CA VAL D 6 -15.44 -4.51 10.54
C VAL D 6 -15.62 -3.63 11.77
N GLU D 7 -14.57 -3.58 12.60
CA GLU D 7 -14.55 -2.74 13.79
C GLU D 7 -14.11 -1.33 13.44
N SER D 8 -14.68 -0.36 14.15
CA SER D 8 -14.35 1.04 13.98
C SER D 8 -14.43 1.71 15.35
N GLY D 9 -13.97 2.95 15.42
CA GLY D 9 -14.11 3.76 16.60
C GLY D 9 -12.88 3.85 17.47
N GLY D 10 -11.82 3.13 17.15
CA GLY D 10 -10.62 3.18 17.96
C GLY D 10 -9.87 4.49 17.81
N GLY D 11 -8.84 4.64 18.63
CA GLY D 11 -8.00 5.83 18.54
C GLY D 11 -7.12 5.95 19.76
N LEU D 12 -6.57 7.15 19.92
CA LEU D 12 -5.70 7.51 21.03
C LEU D 12 -6.48 8.42 21.97
N VAL D 13 -6.54 8.05 23.24
CA VAL D 13 -7.28 8.82 24.22
C VAL D 13 -6.43 8.98 25.48
N GLN D 14 -6.80 9.97 26.27
CA GLN D 14 -6.18 10.22 27.57
CA GLN D 14 -6.17 10.20 27.56
C GLN D 14 -6.86 9.35 28.63
N ALA D 15 -6.08 8.93 29.61
CA ALA D 15 -6.66 8.14 30.70
C ALA D 15 -7.82 8.90 31.32
N GLY D 16 -8.91 8.19 31.58
CA GLY D 16 -10.13 8.78 32.09
C GLY D 16 -11.17 9.07 31.03
N ASP D 17 -10.78 9.10 29.76
CA ASP D 17 -11.69 9.41 28.67
C ASP D 17 -12.54 8.19 28.32
N SER D 18 -13.51 8.43 27.44
CA SER D 18 -14.38 7.38 26.91
C SER D 18 -14.15 7.17 25.42
N LEU D 19 -14.59 6.02 24.95
CA LEU D 19 -14.57 5.70 23.53
CA LEU D 19 -14.54 5.67 23.54
C LEU D 19 -15.70 4.72 23.29
N ARG D 20 -16.31 4.80 22.10
CA ARG D 20 -17.33 3.84 21.70
CA ARG D 20 -17.33 3.84 21.70
C ARG D 20 -16.87 3.13 20.44
N LEU D 21 -16.62 1.83 20.55
CA LEU D 21 -16.31 1.01 19.40
C LEU D 21 -17.59 0.50 18.77
N SER D 22 -17.53 0.21 17.47
CA SER D 22 -18.66 -0.36 16.76
C SER D 22 -18.16 -1.43 15.80
N CYS D 23 -18.96 -2.45 15.59
CA CYS D 23 -18.66 -3.48 14.62
C CYS D 23 -19.83 -3.57 13.65
N ALA D 24 -19.53 -3.43 12.37
CA ALA D 24 -20.49 -3.62 11.29
C ALA D 24 -20.33 -5.02 10.74
N ALA D 25 -21.39 -5.82 10.84
CA ALA D 25 -21.36 -7.23 10.44
C ALA D 25 -22.14 -7.38 9.16
N SER D 26 -21.57 -8.13 8.22
CA SER D 26 -22.28 -8.45 6.99
C SER D 26 -21.97 -9.89 6.59
N GLY D 27 -22.82 -10.44 5.74
CA GLY D 27 -22.60 -11.78 5.23
C GLY D 27 -23.01 -12.89 6.16
N LEU D 28 -23.81 -12.59 7.17
CA LEU D 28 -24.27 -13.62 8.09
C LEU D 28 -25.66 -13.26 8.58
N THR D 29 -26.34 -14.25 9.16
CA THR D 29 -27.66 -14.02 9.75
C THR D 29 -27.44 -13.55 11.19
N PHE D 30 -27.28 -12.23 11.33
CA PHE D 30 -26.72 -11.62 12.53
C PHE D 30 -27.49 -11.98 13.79
N SER D 31 -28.82 -12.04 13.71
CA SER D 31 -29.62 -12.30 14.89
C SER D 31 -29.45 -13.71 15.44
N ARG D 32 -28.66 -14.57 14.80
CA ARG D 32 -28.45 -15.94 15.25
CA ARG D 32 -28.47 -15.92 15.29
C ARG D 32 -27.07 -16.14 15.87
N TYR D 33 -26.32 -15.06 16.09
CA TYR D 33 -24.98 -15.14 16.64
C TYR D 33 -24.84 -14.38 17.95
N ALA D 34 -24.21 -15.03 18.93
CA ALA D 34 -23.62 -14.28 20.04
C ALA D 34 -22.42 -13.50 19.52
N MET D 35 -22.27 -12.27 19.98
CA MET D 35 -21.20 -11.39 19.52
C MET D 35 -20.32 -11.04 20.71
N GLY D 36 -19.01 -11.23 20.54
CA GLY D 36 -18.06 -10.97 21.61
C GLY D 36 -17.03 -9.93 21.20
N TRP D 37 -16.53 -9.20 22.19
CA TRP D 37 -15.34 -8.37 22.03
C TRP D 37 -14.19 -9.02 22.79
N PHE D 38 -13.02 -9.03 22.14
CA PHE D 38 -11.75 -9.54 22.66
C PHE D 38 -10.70 -8.47 22.43
N ARG D 39 -9.57 -8.59 23.14
CA ARG D 39 -8.49 -7.63 22.93
C ARG D 39 -7.13 -8.30 23.10
N GLN D 40 -6.15 -7.77 22.38
CA GLN D 40 -4.79 -8.29 22.46
C GLN D 40 -3.81 -7.14 22.45
N ALA D 41 -3.00 -7.09 23.42
CA ALA D 41 -1.87 -6.18 23.50
C ALA D 41 -0.61 -6.89 23.05
N PRO D 42 0.34 -6.18 22.46
CA PRO D 42 1.57 -6.83 21.99
C PRO D 42 2.24 -7.63 23.11
N GLY D 43 2.71 -8.82 22.76
CA GLY D 43 3.38 -9.69 23.70
C GLY D 43 2.47 -10.50 24.59
N ASN D 44 1.16 -10.28 24.56
CA ASN D 44 0.24 -10.99 25.42
C ASN D 44 -0.76 -11.78 24.58
N GLU D 45 -1.38 -12.76 25.23
CA GLU D 45 -2.45 -13.54 24.60
CA GLU D 45 -2.43 -13.52 24.56
C GLU D 45 -3.70 -12.68 24.44
N ARG D 46 -4.48 -12.98 23.40
CA ARG D 46 -5.79 -12.36 23.23
CA ARG D 46 -5.79 -12.36 23.23
C ARG D 46 -6.70 -12.79 24.37
N GLU D 47 -7.52 -11.86 24.86
CA GLU D 47 -8.34 -12.14 26.02
CA GLU D 47 -8.33 -12.10 26.04
C GLU D 47 -9.76 -11.64 25.84
N PHE D 48 -10.67 -12.27 26.58
CA PHE D 48 -12.08 -11.93 26.59
C PHE D 48 -12.33 -10.57 27.24
N VAL D 49 -13.24 -9.79 26.61
CA VAL D 49 -13.68 -8.52 27.13
C VAL D 49 -15.17 -8.53 27.48
N ALA D 50 -16.02 -8.92 26.53
CA ALA D 50 -17.46 -8.92 26.75
C ALA D 50 -18.17 -9.78 25.69
N VAL D 51 -19.35 -10.30 26.02
CA VAL D 51 -20.19 -10.98 25.05
C VAL D 51 -21.66 -10.66 25.31
N ILE D 52 -22.43 -10.68 24.22
CA ILE D 52 -23.88 -10.49 24.27
C ILE D 52 -24.52 -11.62 23.46
N THR D 53 -25.59 -12.20 24.01
CA THR D 53 -26.23 -13.32 23.35
C THR D 53 -26.95 -12.84 22.09
N ALA D 54 -27.34 -13.81 21.25
CA ALA D 54 -28.02 -13.51 20.00
C ALA D 54 -29.26 -12.62 20.22
N SER D 55 -30.02 -12.90 21.27
CA SER D 55 -31.24 -12.15 21.57
C SER D 55 -30.96 -10.82 22.23
N GLY D 56 -29.74 -10.64 22.73
CA GLY D 56 -29.38 -9.49 23.50
C GLY D 56 -29.79 -9.54 24.95
N ARG D 57 -30.44 -10.62 25.39
CA ARG D 57 -31.02 -10.65 26.74
CA ARG D 57 -31.02 -10.63 26.73
C ARG D 57 -30.00 -10.91 27.83
N THR D 58 -28.79 -11.35 27.49
CA THR D 58 -27.74 -11.61 28.47
C THR D 58 -26.44 -10.98 28.00
N THR D 59 -25.73 -10.35 28.94
CA THR D 59 -24.40 -9.83 28.71
C THR D 59 -23.46 -10.37 29.77
N LEU D 60 -22.19 -10.52 29.41
CA LEU D 60 -21.15 -10.95 30.34
C LEU D 60 -19.92 -10.11 30.09
N TYR D 61 -19.28 -9.66 31.18
CA TYR D 61 -18.11 -8.81 31.10
C TYR D 61 -16.95 -9.44 31.85
N ALA D 62 -15.75 -9.26 31.31
CA ALA D 62 -14.54 -9.58 32.05
C ALA D 62 -14.50 -8.76 33.34
N ASP D 63 -13.93 -9.36 34.38
CA ASP D 63 -13.85 -8.68 35.67
C ASP D 63 -13.17 -7.31 35.55
N SER D 64 -12.18 -7.19 34.65
CA SER D 64 -11.42 -5.96 34.50
C SER D 64 -12.22 -4.79 33.94
N VAL D 65 -13.36 -5.04 33.30
CA VAL D 65 -14.12 -3.99 32.64
C VAL D 65 -15.55 -3.88 33.16
N LYS D 66 -15.99 -4.81 33.98
CA LYS D 66 -17.33 -4.78 34.54
C LYS D 66 -17.58 -3.50 35.32
N GLY D 67 -18.69 -2.82 34.99
CA GLY D 67 -19.01 -1.53 35.57
C GLY D 67 -18.41 -0.35 34.85
N ARG D 68 -17.55 -0.59 33.87
CA ARG D 68 -16.95 0.45 33.03
C ARG D 68 -17.39 0.35 31.58
N PHE D 69 -17.36 -0.86 31.02
CA PHE D 69 -17.75 -1.08 29.64
C PHE D 69 -19.20 -1.59 29.55
N THR D 70 -19.85 -1.28 28.43
CA THR D 70 -21.20 -1.74 28.14
C THR D 70 -21.27 -2.27 26.72
N ILE D 71 -21.77 -3.48 26.55
CA ILE D 71 -21.93 -4.09 25.23
C ILE D 71 -23.42 -4.05 24.86
N SER D 72 -23.70 -3.80 23.58
CA SER D 72 -25.07 -3.74 23.09
C SER D 72 -25.06 -4.13 21.62
N ARG D 73 -26.24 -4.48 21.10
CA ARG D 73 -26.36 -4.81 19.69
C ARG D 73 -27.59 -4.16 19.10
N ASP D 74 -27.57 -3.98 17.78
CA ASP D 74 -28.70 -3.44 17.03
C ASP D 74 -28.98 -4.45 15.93
N ASN D 75 -30.01 -5.28 16.12
CA ASN D 75 -30.30 -6.35 15.16
C ASN D 75 -30.90 -5.80 13.87
N ALA D 76 -31.38 -4.54 13.88
CA ALA D 76 -31.91 -3.93 12.65
C ALA D 76 -30.80 -3.39 11.76
N LYS D 77 -29.68 -2.98 12.34
CA LYS D 77 -28.57 -2.41 11.59
C LYS D 77 -27.39 -3.38 11.50
N ASN D 78 -27.48 -4.55 12.13
CA ASN D 78 -26.42 -5.55 12.10
C ASN D 78 -25.12 -4.99 12.66
N THR D 79 -25.23 -4.34 13.83
CA THR D 79 -24.08 -3.75 14.49
C THR D 79 -23.97 -4.20 15.96
N VAL D 80 -22.75 -4.20 16.46
CA VAL D 80 -22.46 -4.40 17.87
C VAL D 80 -21.67 -3.18 18.34
N ALA D 81 -21.91 -2.74 19.58
CA ALA D 81 -21.19 -1.61 20.15
C ALA D 81 -20.51 -2.02 21.44
N LEU D 82 -19.36 -1.42 21.70
CA LEU D 82 -18.68 -1.53 22.99
C LEU D 82 -18.41 -0.11 23.48
N GLN D 83 -19.19 0.33 24.46
CA GLN D 83 -18.97 1.62 25.09
C GLN D 83 -17.92 1.46 26.16
N MET D 84 -16.86 2.25 26.09
CA MET D 84 -15.75 2.13 27.04
C MET D 84 -15.62 3.42 27.82
N GLN D 85 -15.65 3.32 29.15
CA GLN D 85 -15.50 4.50 29.99
C GLN D 85 -14.29 4.34 30.91
N SER D 86 -13.87 5.47 31.46
CA SER D 86 -12.79 5.51 32.44
C SER D 86 -11.60 4.68 31.98
N LEU D 87 -11.11 5.01 30.78
CA LEU D 87 -10.07 4.18 30.20
C LEU D 87 -8.75 4.36 30.94
N LYS D 88 -7.96 3.30 30.96
CA LYS D 88 -6.67 3.22 31.64
CA LYS D 88 -6.67 3.23 31.63
C LYS D 88 -5.63 2.73 30.66
N PRO D 89 -4.34 2.95 30.93
CA PRO D 89 -3.31 2.36 30.08
C PRO D 89 -3.42 0.86 29.96
N GLU D 90 -3.89 0.18 31.01
CA GLU D 90 -4.04 -1.27 30.89
C GLU D 90 -5.08 -1.68 29.86
N ASP D 91 -5.87 -0.73 29.34
CA ASP D 91 -6.87 -1.01 28.32
C ASP D 91 -6.31 -0.91 26.91
N THR D 92 -5.06 -0.49 26.75
CA THR D 92 -4.46 -0.36 25.44
C THR D 92 -4.33 -1.74 24.80
N ALA D 93 -4.80 -1.85 23.56
CA ALA D 93 -4.87 -3.14 22.86
C ALA D 93 -5.49 -2.93 21.49
N VAL D 94 -5.31 -3.94 20.63
CA VAL D 94 -6.19 -4.11 19.48
C VAL D 94 -7.45 -4.80 19.96
N TYR D 95 -8.61 -4.22 19.65
CA TYR D 95 -9.91 -4.76 20.02
C TYR D 95 -10.52 -5.45 18.80
N TYR D 96 -10.96 -6.68 19.01
CA TYR D 96 -11.56 -7.49 17.97
C TYR D 96 -13.01 -7.79 18.30
N CYS D 97 -13.87 -7.77 17.29
CA CYS D 97 -15.22 -8.30 17.44
C CYS D 97 -15.28 -9.66 16.76
N ALA D 98 -16.08 -10.57 17.32
CA ALA D 98 -16.15 -11.94 16.84
C ALA D 98 -17.57 -12.46 17.00
N ALA D 99 -17.91 -13.45 16.16
CA ALA D 99 -19.26 -13.99 16.07
C ALA D 99 -19.26 -15.48 16.35
N ASP D 100 -20.20 -15.92 17.20
CA ASP D 100 -20.35 -17.31 17.63
C ASP D 100 -21.74 -17.76 17.24
N TYR D 101 -21.85 -18.68 16.27
CA TYR D 101 -23.16 -19.06 15.78
C TYR D 101 -23.95 -19.86 16.82
N GLY D 102 -25.15 -19.38 17.14
CA GLY D 102 -26.01 -20.10 18.03
C GLY D 102 -26.74 -19.21 19.01
N THR D 103 -28.01 -19.49 19.25
CA THR D 103 -28.83 -18.70 20.16
C THR D 103 -28.79 -19.32 21.57
N SER D 104 -29.19 -18.51 22.54
CA SER D 104 -29.44 -18.94 23.91
C SER D 104 -28.19 -19.38 24.63
N ARG D 105 -27.02 -18.95 24.18
CA ARG D 105 -25.76 -19.37 24.79
CA ARG D 105 -25.75 -19.38 24.75
C ARG D 105 -24.73 -18.27 24.60
N TYR D 106 -23.68 -18.35 25.42
CA TYR D 106 -22.58 -17.39 25.32
C TYR D 106 -21.36 -17.97 26.00
N THR D 107 -20.17 -17.66 25.46
CA THR D 107 -18.95 -18.21 26.02
C THR D 107 -17.80 -17.20 25.98
N ARG D 108 -16.90 -17.32 26.95
CA ARG D 108 -15.66 -16.56 26.94
C ARG D 108 -14.62 -17.15 25.99
N ARG D 109 -14.81 -18.39 25.55
CA ARG D 109 -13.75 -19.15 24.91
CA ARG D 109 -13.75 -19.15 24.91
C ARG D 109 -13.63 -18.77 23.44
N GLN D 110 -12.44 -18.29 23.06
CA GLN D 110 -12.24 -17.79 21.71
CA GLN D 110 -12.22 -17.80 21.71
C GLN D 110 -12.34 -18.90 20.67
N SER D 111 -12.07 -20.15 21.06
CA SER D 111 -12.10 -21.24 20.09
C SER D 111 -13.48 -21.43 19.49
N GLU D 112 -14.50 -20.90 20.14
CA GLU D 112 -15.88 -21.13 19.75
C GLU D 112 -16.41 -20.10 18.77
N TYR D 113 -15.64 -19.06 18.45
CA TYR D 113 -16.11 -18.00 17.57
C TYR D 113 -15.69 -18.31 16.14
N GLU D 114 -16.67 -18.39 15.24
CA GLU D 114 -16.40 -18.78 13.87
CA GLU D 114 -16.39 -18.78 13.87
C GLU D 114 -15.76 -17.65 13.06
N TYR D 115 -16.13 -16.41 13.34
CA TYR D 115 -15.72 -15.27 12.53
C TYR D 115 -15.12 -14.16 13.37
N TRP D 116 -14.11 -13.50 12.80
CA TRP D 116 -13.33 -12.49 13.50
C TRP D 116 -13.11 -11.29 12.60
N GLY D 117 -13.22 -10.09 13.20
CA GLY D 117 -12.78 -8.90 12.51
C GLY D 117 -11.28 -8.75 12.56
N GLN D 118 -10.77 -7.77 11.82
CA GLN D 118 -9.33 -7.54 11.75
C GLN D 118 -8.82 -6.62 12.86
N GLY D 119 -9.72 -5.98 13.61
CA GLY D 119 -9.36 -5.29 14.82
C GLY D 119 -9.19 -3.79 14.62
N THR D 120 -9.28 -3.06 15.75
CA THR D 120 -9.10 -1.62 15.77
C THR D 120 -8.27 -1.28 16.99
N GLN D 121 -7.29 -0.40 16.81
CA GLN D 121 -6.35 -0.09 17.88
C GLN D 121 -6.95 0.94 18.83
N VAL D 122 -6.77 0.68 20.12
CA VAL D 122 -7.15 1.61 21.18
C VAL D 122 -5.89 1.83 22.02
N THR D 123 -5.47 3.07 22.16
CA THR D 123 -4.27 3.40 22.93
C THR D 123 -4.62 4.48 23.93
N VAL D 124 -4.28 4.25 25.20
CA VAL D 124 -4.62 5.13 26.30
C VAL D 124 -3.32 5.67 26.88
N SER D 125 -3.16 6.99 26.87
CA SER D 125 -1.97 7.62 27.41
C SER D 125 -2.21 8.01 28.86
N SER D 126 -1.13 8.07 29.64
CA SER D 126 -1.23 8.39 31.05
C SER D 126 -1.86 9.77 31.25
N ALA D 127 -2.40 9.97 32.45
CA ALA D 127 -3.06 11.21 32.80
C ALA D 127 -2.15 12.42 32.68
N THR E 1 23.12 -24.39 -33.16
CA THR E 1 21.75 -24.21 -32.57
C THR E 1 21.23 -22.82 -32.87
N GLU E 2 19.93 -22.75 -33.16
CA GLU E 2 19.26 -21.47 -33.41
C GLU E 2 18.90 -20.75 -32.11
N VAL E 3 19.07 -21.39 -30.97
CA VAL E 3 18.77 -20.75 -29.69
C VAL E 3 19.89 -19.78 -29.34
N GLN E 4 19.52 -18.55 -29.00
CA GLN E 4 20.47 -17.54 -28.56
CA GLN E 4 20.47 -17.54 -28.56
C GLN E 4 19.94 -16.85 -27.33
N LEU E 5 20.80 -16.73 -26.31
CA LEU E 5 20.54 -15.94 -25.12
C LEU E 5 21.59 -14.85 -25.11
N VAL E 6 21.18 -13.59 -25.23
CA VAL E 6 22.11 -12.47 -25.35
C VAL E 6 21.96 -11.57 -24.13
N GLU E 7 22.97 -11.58 -23.26
CA GLU E 7 22.98 -10.75 -22.08
C GLU E 7 23.54 -9.37 -22.39
N SER E 8 22.99 -8.36 -21.72
CA SER E 8 23.43 -6.98 -21.88
C SER E 8 23.28 -6.26 -20.55
N GLY E 9 23.90 -5.08 -20.47
CA GLY E 9 23.72 -4.20 -19.34
C GLY E 9 24.90 -4.13 -18.39
N GLY E 10 25.94 -4.92 -18.60
CA GLY E 10 27.08 -4.90 -17.70
C GLY E 10 27.90 -3.63 -17.84
N GLY E 11 28.80 -3.44 -16.89
CA GLY E 11 29.63 -2.26 -16.85
C GLY E 11 30.48 -2.21 -15.60
N LEU E 12 31.26 -1.14 -15.53
CA LEU E 12 32.11 -0.87 -14.36
C LEU E 12 31.44 0.25 -13.57
N VAL E 13 31.13 -0.03 -12.31
CA VAL E 13 30.41 0.92 -11.47
C VAL E 13 31.08 1.03 -10.12
N GLN E 14 30.71 2.08 -9.40
CA GLN E 14 31.21 2.31 -8.06
C GLN E 14 30.43 1.45 -7.07
N ALA E 15 31.12 0.95 -6.05
CA ALA E 15 30.43 0.26 -4.97
C ALA E 15 29.29 1.13 -4.46
N GLY E 16 28.10 0.52 -4.33
CA GLY E 16 26.90 1.21 -3.91
C GLY E 16 25.95 1.55 -5.04
N ASP E 17 26.44 1.59 -6.27
CA ASP E 17 25.61 1.88 -7.43
C ASP E 17 24.72 0.69 -7.75
N SER E 18 23.82 0.90 -8.71
CA SER E 18 22.97 -0.16 -9.21
CA SER E 18 22.93 -0.12 -9.22
C SER E 18 23.22 -0.36 -10.70
N LEU E 19 22.73 -1.49 -11.20
CA LEU E 19 22.87 -1.89 -12.59
C LEU E 19 21.69 -2.78 -12.90
N ARG E 20 21.21 -2.72 -14.14
CA ARG E 20 20.14 -3.61 -14.58
C ARG E 20 20.64 -4.43 -15.76
N LEU E 21 20.74 -5.74 -15.57
CA LEU E 21 21.09 -6.63 -16.68
C LEU E 21 19.83 -7.11 -17.39
N SER E 22 19.99 -7.46 -18.66
CA SER E 22 18.89 -8.01 -19.44
C SER E 22 19.41 -9.17 -20.29
N CYS E 23 18.52 -10.11 -20.56
CA CYS E 23 18.82 -11.20 -21.47
C CYS E 23 17.70 -11.26 -22.49
N ALA E 24 18.06 -11.18 -23.77
CA ALA E 24 17.12 -11.34 -24.87
C ALA E 24 17.24 -12.77 -25.38
N ALA E 25 16.13 -13.50 -25.34
CA ALA E 25 16.12 -14.91 -25.71
C ALA E 25 15.41 -15.09 -27.03
N SER E 26 15.97 -15.94 -27.88
CA SER E 26 15.33 -16.24 -29.14
C SER E 26 15.60 -17.69 -29.52
N GLY E 27 14.73 -18.21 -30.37
CA GLY E 27 14.93 -19.57 -30.84
C GLY E 27 14.42 -20.65 -29.94
N LEU E 28 13.71 -20.31 -28.86
CA LEU E 28 13.11 -21.30 -27.99
C LEU E 28 11.73 -20.84 -27.57
N THR E 29 10.93 -21.77 -27.07
CA THR E 29 9.61 -21.45 -26.54
C THR E 29 9.80 -20.95 -25.11
N PHE E 30 9.98 -19.63 -24.99
CA PHE E 30 10.50 -19.01 -23.77
C PHE E 30 9.67 -19.34 -22.56
N SER E 31 8.35 -19.36 -22.69
CA SER E 31 7.47 -19.58 -21.56
C SER E 31 7.50 -21.01 -21.05
N ARG E 32 8.29 -21.89 -21.65
CA ARG E 32 8.45 -23.26 -21.19
CA ARG E 32 8.44 -23.25 -21.17
C ARG E 32 9.75 -23.48 -20.43
N TYR E 33 10.51 -22.42 -20.16
CA TYR E 33 11.80 -22.53 -19.50
C TYR E 33 11.86 -21.70 -18.22
N ALA E 34 12.39 -22.30 -17.16
CA ALA E 34 12.92 -21.53 -16.04
C ALA E 34 14.18 -20.82 -16.52
N MET E 35 14.36 -19.58 -16.07
CA MET E 35 15.49 -18.77 -16.49
C MET E 35 16.30 -18.42 -15.26
N GLY E 36 17.61 -18.66 -15.32
CA GLY E 36 18.49 -18.42 -14.20
C GLY E 36 19.63 -17.48 -14.55
N TRP E 37 20.13 -16.78 -13.55
CA TRP E 37 21.35 -16.03 -13.68
C TRP E 37 22.42 -16.69 -12.84
N PHE E 38 23.62 -16.77 -13.39
CA PHE E 38 24.82 -17.34 -12.78
C PHE E 38 25.92 -16.33 -12.95
N ARG E 39 26.99 -16.48 -12.17
CA ARG E 39 28.13 -15.58 -12.33
C ARG E 39 29.43 -16.33 -12.09
N GLN E 40 30.48 -15.87 -12.77
CA GLN E 40 31.80 -16.48 -12.64
C GLN E 40 32.86 -15.40 -12.72
N ALA E 41 33.66 -15.31 -11.69
CA ALA E 41 34.82 -14.45 -11.62
C ALA E 41 36.08 -15.25 -11.90
N PRO E 42 37.12 -14.65 -12.47
CA PRO E 42 38.27 -15.45 -12.90
C PRO E 42 38.87 -16.25 -11.75
N GLY E 43 39.21 -17.49 -12.06
CA GLY E 43 39.78 -18.39 -11.08
C GLY E 43 38.79 -18.97 -10.10
N ASN E 44 37.49 -18.77 -10.31
CA ASN E 44 36.47 -19.22 -9.39
C ASN E 44 35.46 -20.09 -10.12
N GLU E 45 34.71 -20.87 -9.34
CA GLU E 45 33.62 -21.63 -9.90
C GLU E 45 32.46 -20.71 -10.29
N ARG E 46 31.81 -21.06 -11.39
CA ARG E 46 30.53 -20.43 -11.71
CA ARG E 46 30.52 -20.45 -11.73
C ARG E 46 29.52 -20.75 -10.62
N GLU E 47 28.73 -19.74 -10.25
CA GLU E 47 27.82 -19.93 -9.13
C GLU E 47 26.44 -19.36 -9.42
N PHE E 48 25.45 -19.97 -8.77
CA PHE E 48 24.07 -19.53 -8.82
C PHE E 48 23.87 -18.13 -8.24
N VAL E 49 23.03 -17.34 -8.92
CA VAL E 49 22.65 -16.00 -8.48
C VAL E 49 21.14 -15.91 -8.25
N ALA E 50 20.33 -16.27 -9.24
CA ALA E 50 18.89 -16.18 -9.12
C ALA E 50 18.22 -17.03 -10.20
N VAL E 51 16.99 -17.44 -9.94
CA VAL E 51 16.19 -18.15 -10.93
C VAL E 51 14.73 -17.74 -10.81
N ILE E 52 14.03 -17.78 -11.94
CA ILE E 52 12.60 -17.50 -12.00
C ILE E 52 11.93 -18.61 -12.80
N THR E 53 10.80 -19.09 -12.29
CA THR E 53 10.11 -20.19 -12.97
C THR E 53 9.53 -19.73 -14.29
N ALA E 54 9.15 -20.71 -15.11
CA ALA E 54 8.58 -20.44 -16.42
C ALA E 54 7.38 -19.50 -16.32
N SER E 55 6.54 -19.68 -15.31
CA SER E 55 5.36 -18.84 -15.15
C SER E 55 5.67 -17.45 -14.62
N GLY E 56 6.85 -17.27 -14.01
CA GLY E 56 7.17 -16.06 -13.31
C GLY E 56 6.65 -15.98 -11.90
N ARG E 57 5.96 -17.03 -11.43
CA ARG E 57 5.28 -16.93 -10.14
C ARG E 57 6.20 -17.18 -8.95
N THR E 58 7.39 -17.74 -9.15
CA THR E 58 8.32 -18.03 -8.07
C THR E 58 9.71 -17.55 -8.45
N THR E 59 10.39 -16.90 -7.49
CA THR E 59 11.77 -16.49 -7.64
C THR E 59 12.59 -17.05 -6.48
N LEU E 60 13.88 -17.26 -6.72
CA LEU E 60 14.81 -17.74 -5.72
C LEU E 60 16.13 -17.00 -5.91
N TYR E 61 16.73 -16.58 -4.80
CA TYR E 61 17.98 -15.82 -4.82
C TYR E 61 19.05 -16.49 -3.97
N ALA E 62 20.30 -16.43 -4.43
CA ALA E 62 21.43 -16.81 -3.59
C ALA E 62 21.47 -15.93 -2.34
N ASP E 63 21.90 -16.53 -1.23
CA ASP E 63 21.95 -15.80 0.04
C ASP E 63 22.72 -14.49 -0.08
N SER E 64 23.77 -14.46 -0.93
CA SER E 64 24.64 -13.30 -1.00
C SER E 64 24.00 -12.12 -1.70
N VAL E 65 22.91 -12.33 -2.44
CA VAL E 65 22.26 -11.27 -3.20
C VAL E 65 20.82 -11.07 -2.79
N LYS E 66 20.25 -11.96 -1.99
CA LYS E 66 18.87 -11.81 -1.53
C LYS E 66 18.69 -10.47 -0.84
N GLY E 67 17.63 -9.77 -1.24
CA GLY E 67 17.34 -8.44 -0.74
C GLY E 67 17.97 -7.33 -1.53
N ARG E 68 18.94 -7.62 -2.38
CA ARG E 68 19.58 -6.61 -3.23
C ARG E 68 19.27 -6.80 -4.71
N PHE E 69 19.18 -8.03 -5.17
CA PHE E 69 18.92 -8.31 -6.57
C PHE E 69 17.45 -8.72 -6.77
N THR E 70 16.90 -8.35 -7.92
CA THR E 70 15.54 -8.72 -8.29
C THR E 70 15.52 -9.32 -9.69
N ILE E 71 14.97 -10.52 -9.84
CA ILE E 71 14.83 -11.18 -11.15
C ILE E 71 13.38 -11.08 -11.60
N SER E 72 13.18 -10.83 -12.88
CA SER E 72 11.85 -10.83 -13.48
C SER E 72 11.96 -11.30 -14.92
N ARG E 73 10.83 -11.59 -15.53
CA ARG E 73 10.80 -12.01 -16.92
C ARG E 73 9.59 -11.38 -17.61
N ASP E 74 9.70 -11.29 -18.93
CA ASP E 74 8.61 -10.80 -19.79
C ASP E 74 8.37 -11.83 -20.89
N ASN E 75 7.37 -12.70 -20.71
CA ASN E 75 7.19 -13.80 -21.67
C ASN E 75 6.71 -13.30 -23.03
N ALA E 76 6.16 -12.07 -23.11
CA ALA E 76 5.73 -11.55 -24.39
C ALA E 76 6.87 -10.92 -25.18
N LYS E 77 7.92 -10.44 -24.50
CA LYS E 77 9.09 -9.89 -25.16
C LYS E 77 10.28 -10.86 -25.14
N ASN E 78 10.12 -12.02 -24.49
CA ASN E 78 11.17 -13.02 -24.42
C ASN E 78 12.44 -12.44 -23.80
N THR E 79 12.25 -11.80 -22.65
CA THR E 79 13.38 -11.20 -21.95
C THR E 79 13.36 -11.58 -20.47
N VAL E 80 14.57 -11.59 -19.90
CA VAL E 80 14.79 -11.75 -18.47
C VAL E 80 15.57 -10.53 -18.00
N ALA E 81 15.30 -10.07 -16.78
CA ALA E 81 16.00 -8.93 -16.22
C ALA E 81 16.57 -9.30 -14.87
N LEU E 82 17.71 -8.69 -14.53
CA LEU E 82 18.32 -8.82 -13.20
C LEU E 82 18.67 -7.41 -12.74
N GLN E 83 17.85 -6.86 -11.85
CA GLN E 83 18.12 -5.56 -11.25
CA GLN E 83 18.12 -5.57 -11.24
C GLN E 83 19.04 -5.75 -10.06
N MET E 84 20.16 -5.05 -10.05
CA MET E 84 21.17 -5.18 -9.00
C MET E 84 21.29 -3.85 -8.29
N GLN E 85 21.05 -3.87 -6.97
CA GLN E 85 21.20 -2.68 -6.14
CA GLN E 85 21.20 -2.68 -6.13
C GLN E 85 22.36 -2.89 -5.16
N SER E 86 22.86 -1.77 -4.64
CA SER E 86 23.92 -1.76 -3.63
C SER E 86 25.07 -2.70 -3.96
N LEU E 87 25.65 -2.49 -5.14
CA LEU E 87 26.65 -3.41 -5.65
C LEU E 87 27.95 -3.31 -4.84
N LYS E 88 28.60 -4.46 -4.67
CA LYS E 88 29.81 -4.62 -3.88
C LYS E 88 30.94 -5.18 -4.74
N PRO E 89 32.19 -4.92 -4.37
CA PRO E 89 33.29 -5.59 -5.10
C PRO E 89 33.13 -7.11 -5.19
N GLU E 90 32.55 -7.77 -4.19
CA GLU E 90 32.37 -9.21 -4.26
C GLU E 90 31.36 -9.63 -5.34
N ASP E 91 30.68 -8.68 -5.97
CA ASP E 91 29.74 -9.00 -7.05
C ASP E 91 30.41 -8.99 -8.42
N THR E 92 31.69 -8.64 -8.49
CA THR E 92 32.39 -8.56 -9.76
C THR E 92 32.48 -9.95 -10.38
N ALA E 93 32.08 -10.08 -11.65
CA ALA E 93 32.08 -11.36 -12.34
C ALA E 93 31.50 -11.17 -13.74
N VAL E 94 31.67 -12.18 -14.58
CA VAL E 94 30.85 -12.31 -15.79
C VAL E 94 29.51 -12.93 -15.37
N TYR E 95 28.42 -12.27 -15.76
CA TYR E 95 27.08 -12.76 -15.44
C TYR E 95 26.46 -13.44 -16.67
N TYR E 96 25.91 -14.63 -16.44
CA TYR E 96 25.36 -15.46 -17.49
C TYR E 96 23.89 -15.72 -17.22
N CYS E 97 23.08 -15.67 -18.27
CA CYS E 97 21.71 -16.10 -18.21
C CYS E 97 21.62 -17.48 -18.86
N ALA E 98 20.77 -18.34 -18.29
CA ALA E 98 20.64 -19.72 -18.74
C ALA E 98 19.19 -20.16 -18.67
N ALA E 99 18.86 -21.12 -19.52
CA ALA E 99 17.50 -21.63 -19.67
C ALA E 99 17.46 -23.11 -19.31
N ASP E 100 16.50 -23.48 -18.45
CA ASP E 100 16.25 -24.83 -17.97
C ASP E 100 14.86 -25.26 -18.45
N TYR E 101 14.80 -26.25 -19.33
CA TYR E 101 13.52 -26.62 -19.93
C TYR E 101 12.63 -27.33 -18.91
N GLY E 102 11.45 -26.77 -18.69
CA GLY E 102 10.50 -27.32 -17.74
C GLY E 102 9.71 -26.27 -16.98
N THR E 103 8.39 -26.47 -16.84
CA THR E 103 7.54 -25.59 -16.06
C THR E 103 7.39 -26.11 -14.63
N SER E 104 6.94 -25.22 -13.74
CA SER E 104 6.57 -25.55 -12.36
C SER E 104 7.73 -26.06 -11.53
N ARG E 105 8.96 -25.74 -11.91
CA ARG E 105 10.13 -26.21 -11.19
CA ARG E 105 10.11 -26.18 -11.15
C ARG E 105 11.27 -25.20 -11.34
N TYR E 106 12.22 -25.26 -10.43
CA TYR E 106 13.38 -24.37 -10.51
C TYR E 106 14.53 -24.97 -9.73
N THR E 107 15.75 -24.78 -10.23
CA THR E 107 16.92 -25.33 -9.55
C THR E 107 18.08 -24.35 -9.53
N ARG E 108 18.93 -24.49 -8.51
CA ARG E 108 20.14 -23.72 -8.39
C ARG E 108 21.30 -24.28 -9.18
N ARG E 109 21.19 -25.52 -9.69
CA ARG E 109 22.35 -26.26 -10.18
C ARG E 109 22.61 -25.98 -11.64
N GLN E 110 23.81 -25.48 -11.94
CA GLN E 110 24.14 -25.10 -13.30
C GLN E 110 24.08 -26.26 -14.27
N SER E 111 24.40 -27.48 -13.82
CA SER E 111 24.40 -28.62 -14.72
C SER E 111 23.03 -28.94 -15.29
N GLU E 112 21.96 -28.38 -14.72
CA GLU E 112 20.62 -28.69 -15.19
C GLU E 112 20.13 -27.76 -16.30
N TYR E 113 20.90 -26.75 -16.69
CA TYR E 113 20.45 -25.78 -17.68
C TYR E 113 20.90 -26.17 -19.08
N GLU E 114 19.96 -26.07 -20.03
CA GLU E 114 20.23 -26.55 -21.39
CA GLU E 114 20.23 -26.55 -21.38
C GLU E 114 20.96 -25.53 -22.25
N TYR E 115 20.68 -24.25 -22.07
CA TYR E 115 21.24 -23.21 -22.93
C TYR E 115 21.84 -22.11 -22.08
N TRP E 116 22.93 -21.54 -22.60
CA TRP E 116 23.71 -20.52 -21.91
C TRP E 116 24.02 -19.36 -22.84
N GLY E 117 23.93 -18.15 -22.30
CA GLY E 117 24.43 -16.99 -22.99
C GLY E 117 25.94 -16.92 -22.91
N GLN E 118 26.51 -15.92 -23.58
CA GLN E 118 27.95 -15.70 -23.60
CA GLN E 118 27.96 -15.75 -23.57
C GLN E 118 28.44 -14.81 -22.47
N GLY E 119 27.54 -14.08 -21.82
CA GLY E 119 27.87 -13.35 -20.62
C GLY E 119 28.01 -11.85 -20.84
N THR E 120 27.95 -11.13 -19.72
CA THR E 120 28.18 -9.69 -19.70
C THR E 120 28.97 -9.39 -18.43
N GLN E 121 30.00 -8.56 -18.57
CA GLN E 121 30.92 -8.29 -17.46
C GLN E 121 30.36 -7.22 -16.53
N VAL E 122 30.37 -7.52 -15.23
CA VAL E 122 30.05 -6.54 -14.19
C VAL E 122 31.29 -6.38 -13.33
N THR E 123 31.78 -5.14 -13.21
CA THR E 123 32.94 -4.84 -12.40
C THR E 123 32.55 -3.76 -11.40
N VAL E 124 32.72 -4.05 -10.11
CA VAL E 124 32.38 -3.12 -9.04
C VAL E 124 33.68 -2.69 -8.37
N SER E 125 33.99 -1.41 -8.46
CA SER E 125 35.25 -0.88 -7.96
C SER E 125 35.10 -0.39 -6.53
N SER E 126 36.14 -0.65 -5.74
CA SER E 126 36.22 -0.12 -4.38
C SER E 126 37.11 1.10 -4.29
N ALA E 127 37.62 1.59 -5.41
CA ALA E 127 38.44 2.80 -5.40
C ALA E 127 37.56 3.96 -4.95
N ALA E 128 37.92 4.59 -3.83
CA ALA E 128 37.10 5.68 -3.29
C ALA E 128 37.41 6.98 -4.02
N ALA E 129 37.07 7.03 -5.31
N THR F 1 -4.07 19.06 -27.79
CA THR F 1 -5.40 19.42 -27.18
C THR F 1 -5.79 20.83 -27.58
N GLU F 2 -7.05 21.03 -27.93
CA GLU F 2 -7.58 22.36 -28.21
CA GLU F 2 -7.56 22.37 -28.21
C GLU F 2 -7.90 23.12 -26.94
N VAL F 3 -7.69 22.52 -25.77
CA VAL F 3 -7.95 23.18 -24.50
C VAL F 3 -6.74 24.02 -24.15
N GLN F 4 -6.98 25.25 -23.71
CA GLN F 4 -5.92 26.17 -23.33
C GLN F 4 -6.37 26.94 -22.10
N LEU F 5 -5.53 26.97 -21.08
CA LEU F 5 -5.69 27.85 -19.93
C LEU F 5 -4.53 28.84 -20.00
N VAL F 6 -4.84 30.12 -20.02
CA VAL F 6 -3.81 31.16 -20.14
C VAL F 6 -3.96 32.12 -18.97
N GLU F 7 -2.95 32.14 -18.09
CA GLU F 7 -2.97 33.03 -16.94
C GLU F 7 -2.35 34.38 -17.28
N SER F 8 -2.82 35.41 -16.58
CA SER F 8 -2.31 36.77 -16.74
C SER F 8 -2.43 37.49 -15.41
N GLY F 9 -1.79 38.66 -15.34
CA GLY F 9 -1.95 39.55 -14.21
C GLY F 9 -0.81 39.58 -13.22
N GLY F 10 0.19 38.72 -13.38
CA GLY F 10 1.31 38.73 -12.46
C GLY F 10 2.22 39.92 -12.66
N GLY F 11 3.12 40.08 -11.71
CA GLY F 11 4.07 41.17 -11.77
C GLY F 11 4.88 41.19 -10.49
N LEU F 12 5.72 42.20 -10.39
CA LEU F 12 6.56 42.45 -9.23
C LEU F 12 5.92 43.59 -8.44
N VAL F 13 5.58 43.33 -7.18
CA VAL F 13 4.92 44.32 -6.35
C VAL F 13 5.62 44.40 -5.00
N GLN F 14 5.30 45.46 -4.27
CA GLN F 14 5.78 45.67 -2.91
C GLN F 14 4.93 44.89 -1.92
N ALA F 15 5.57 44.38 -0.87
CA ALA F 15 4.82 43.75 0.21
C ALA F 15 3.72 44.68 0.70
N GLY F 16 2.53 44.11 0.91
CA GLY F 16 1.35 44.85 1.29
C GLY F 16 0.47 45.22 0.11
N ASP F 17 0.98 45.13 -1.12
CA ASP F 17 0.21 45.52 -2.28
C ASP F 17 -0.76 44.41 -2.67
N SER F 18 -1.53 44.65 -3.73
CA SER F 18 -2.53 43.75 -4.26
CA SER F 18 -2.47 43.68 -4.24
C SER F 18 -2.25 43.44 -5.72
N LEU F 19 -2.73 42.29 -6.19
CA LEU F 19 -2.70 41.94 -7.60
C LEU F 19 -3.96 41.14 -7.89
N ARG F 20 -4.39 41.14 -9.15
CA ARG F 20 -5.53 40.32 -9.55
C ARG F 20 -5.08 39.44 -10.71
N LEU F 21 -4.97 38.13 -10.46
CA LEU F 21 -4.66 37.21 -11.54
C LEU F 21 -5.95 36.81 -12.25
N SER F 22 -5.82 36.44 -13.51
CA SER F 22 -6.96 35.95 -14.28
C SER F 22 -6.50 34.80 -15.15
N CYS F 23 -7.41 33.87 -15.40
CA CYS F 23 -7.16 32.76 -16.31
C CYS F 23 -8.27 32.73 -17.33
N ALA F 24 -7.91 32.76 -18.60
CA ALA F 24 -8.87 32.62 -19.69
C ALA F 24 -8.84 31.18 -20.16
N ALA F 25 -10.00 30.53 -20.10
CA ALA F 25 -10.14 29.13 -20.44
C ALA F 25 -10.81 29.01 -21.79
N SER F 26 -10.27 28.17 -22.66
CA SER F 26 -10.95 27.93 -23.92
C SER F 26 -10.87 26.46 -24.28
N GLY F 27 -11.82 26.03 -25.08
CA GLY F 27 -11.85 24.66 -25.55
C GLY F 27 -12.45 23.66 -24.61
N LEU F 28 -13.12 24.09 -23.55
CA LEU F 28 -13.75 23.14 -22.65
C LEU F 28 -15.11 23.67 -22.25
N THR F 29 -15.93 22.76 -21.75
CA THR F 29 -17.26 23.09 -21.23
C THR F 29 -17.04 23.60 -19.81
N PHE F 30 -16.77 24.90 -19.73
CA PHE F 30 -16.23 25.53 -18.52
C PHE F 30 -17.06 25.25 -17.28
N SER F 31 -18.39 25.27 -17.41
CA SER F 31 -19.27 25.13 -16.26
C SER F 31 -19.26 23.74 -15.67
N ARG F 32 -18.51 22.81 -16.25
CA ARG F 32 -18.41 21.46 -15.72
C ARG F 32 -17.07 21.18 -15.06
N TYR F 33 -16.26 22.21 -14.82
CA TYR F 33 -14.93 22.04 -14.22
C TYR F 33 -14.81 22.83 -12.92
N ALA F 34 -14.31 22.17 -11.88
CA ALA F 34 -13.74 22.89 -10.76
C ALA F 34 -12.44 23.54 -11.23
N MET F 35 -12.19 24.76 -10.79
CA MET F 35 -11.02 25.52 -11.21
C MET F 35 -10.15 25.83 -9.99
N GLY F 36 -8.87 25.50 -10.07
CA GLY F 36 -7.96 25.68 -8.96
C GLY F 36 -6.77 26.56 -9.33
N TRP F 37 -6.24 27.24 -8.33
CA TRP F 37 -4.96 27.93 -8.44
C TRP F 37 -3.94 27.21 -7.57
N PHE F 38 -2.74 27.08 -8.12
CA PHE F 38 -1.59 26.46 -7.51
C PHE F 38 -0.40 27.38 -7.70
N ARG F 39 0.66 27.17 -6.93
CA ARG F 39 1.84 27.99 -7.10
C ARG F 39 3.10 27.19 -6.84
N GLN F 40 4.19 27.60 -7.50
CA GLN F 40 5.47 26.94 -7.33
C GLN F 40 6.57 27.98 -7.23
N ALA F 41 7.25 27.98 -6.15
CA ALA F 41 8.43 28.79 -5.93
C ALA F 41 9.68 28.02 -6.30
N PRO F 42 10.76 28.69 -6.72
CA PRO F 42 11.98 27.95 -7.07
C PRO F 42 12.48 27.11 -5.90
N GLY F 43 12.81 25.86 -6.19
CA GLY F 43 13.31 24.96 -5.17
C GLY F 43 12.27 24.42 -4.22
N ASN F 44 10.98 24.56 -4.55
CA ASN F 44 9.89 24.09 -3.71
C ASN F 44 8.93 23.29 -4.58
N GLU F 45 8.14 22.45 -3.91
CA GLU F 45 7.09 21.71 -4.60
CA GLU F 45 7.08 21.71 -4.59
C GLU F 45 5.92 22.63 -4.94
N ARG F 46 5.25 22.33 -6.05
CA ARG F 46 4.03 23.06 -6.39
CA ARG F 46 4.02 23.04 -6.40
C ARG F 46 2.97 22.77 -5.34
N GLU F 47 2.23 23.81 -4.94
CA GLU F 47 1.30 23.64 -3.84
C GLU F 47 -0.03 24.29 -4.14
N PHE F 48 -1.05 23.80 -3.43
CA PHE F 48 -2.43 24.29 -3.52
C PHE F 48 -2.57 25.71 -2.95
N VAL F 49 -3.33 26.54 -3.66
CA VAL F 49 -3.68 27.88 -3.20
C VAL F 49 -5.18 28.04 -2.98
N ALA F 50 -6.00 27.74 -4.00
CA ALA F 50 -7.44 27.91 -3.87
C ALA F 50 -8.15 27.06 -4.93
N VAL F 51 -9.41 26.73 -4.66
CA VAL F 51 -10.26 26.09 -5.66
C VAL F 51 -11.70 26.55 -5.51
N ILE F 52 -12.41 26.58 -6.64
CA ILE F 52 -13.82 26.94 -6.71
C ILE F 52 -14.53 25.85 -7.50
N THR F 53 -15.67 25.40 -6.99
CA THR F 53 -16.40 24.33 -7.65
C THR F 53 -16.99 24.79 -8.99
N ALA F 54 -17.44 23.81 -9.76
CA ALA F 54 -18.01 24.08 -11.09
C ALA F 54 -19.15 25.07 -11.02
N SER F 55 -20.00 24.97 -9.99
CA SER F 55 -21.12 25.88 -9.82
C SER F 55 -20.74 27.23 -9.26
N GLY F 56 -19.54 27.36 -8.71
CA GLY F 56 -19.14 28.53 -7.98
C GLY F 56 -19.65 28.60 -6.55
N ARG F 57 -20.42 27.62 -6.10
CA ARG F 57 -21.09 27.72 -4.80
CA ARG F 57 -21.07 27.75 -4.80
C ARG F 57 -20.16 27.42 -3.62
N THR F 58 -18.99 26.84 -3.87
CA THR F 58 -18.05 26.53 -2.79
C THR F 58 -16.65 26.98 -3.18
N THR F 59 -15.94 27.58 -2.23
CA THR F 59 -14.53 27.92 -2.39
C THR F 59 -13.75 27.34 -1.22
N LEU F 60 -12.49 27.00 -1.49
CA LEU F 60 -11.57 26.50 -0.49
C LEU F 60 -10.23 27.18 -0.67
N TYR F 61 -9.63 27.62 0.44
CA TYR F 61 -8.36 28.35 0.44
C TYR F 61 -7.32 27.64 1.29
N ALA F 62 -6.08 27.63 0.81
CA ALA F 62 -4.96 27.23 1.66
C ALA F 62 -4.94 28.07 2.93
N ASP F 63 -4.53 27.45 4.04
CA ASP F 63 -4.48 28.16 5.31
C ASP F 63 -3.69 29.46 5.18
N SER F 64 -2.59 29.44 4.41
CA SER F 64 -1.72 30.60 4.36
C SER F 64 -2.30 31.80 3.61
N VAL F 65 -3.38 31.62 2.85
CA VAL F 65 -3.95 32.72 2.08
C VAL F 65 -5.38 33.04 2.47
N LYS F 66 -6.02 32.23 3.31
CA LYS F 66 -7.39 32.50 3.74
C LYS F 66 -7.49 33.89 4.36
N GLY F 67 -8.48 34.66 3.91
CA GLY F 67 -8.69 36.02 4.36
C GLY F 67 -7.93 37.08 3.58
N ARG F 68 -6.98 36.67 2.74
CA ARG F 68 -6.25 37.59 1.88
C ARG F 68 -6.58 37.40 0.41
N PHE F 69 -6.71 36.16 -0.04
CA PHE F 69 -6.98 35.86 -1.43
C PHE F 69 -8.45 35.52 -1.60
N THR F 70 -9.00 35.84 -2.77
CA THR F 70 -10.39 35.54 -3.11
C THR F 70 -10.44 34.95 -4.51
N ILE F 71 -11.07 33.79 -4.66
CA ILE F 71 -11.23 33.15 -5.96
C ILE F 71 -12.68 33.31 -6.43
N SER F 72 -12.84 33.54 -7.72
CA SER F 72 -14.16 33.69 -8.32
C SER F 72 -14.09 33.19 -9.76
N ARG F 73 -15.25 32.97 -10.37
CA ARG F 73 -15.28 32.58 -11.77
C ARG F 73 -16.37 33.36 -12.49
N ASP F 74 -16.22 33.48 -13.80
CA ASP F 74 -17.19 34.18 -14.65
C ASP F 74 -17.57 33.21 -15.76
N ASN F 75 -18.74 32.59 -15.60
CA ASN F 75 -19.13 31.58 -16.56
CA ASN F 75 -19.19 31.58 -16.54
C ASN F 75 -19.43 32.17 -17.93
N ALA F 76 -19.93 33.41 -17.99
CA ALA F 76 -20.20 34.00 -19.30
C ALA F 76 -18.91 34.26 -20.09
N LYS F 77 -17.80 34.51 -19.40
CA LYS F 77 -16.54 34.83 -20.07
C LYS F 77 -15.55 33.67 -20.06
N ASN F 78 -15.86 32.57 -19.37
CA ASN F 78 -14.95 31.43 -19.25
C ASN F 78 -13.63 31.87 -18.63
N THR F 79 -13.74 32.62 -17.53
CA THR F 79 -12.56 33.10 -16.81
C THR F 79 -12.65 32.74 -15.33
N VAL F 80 -11.47 32.64 -14.72
CA VAL F 80 -11.31 32.50 -13.29
C VAL F 80 -10.41 33.62 -12.82
N ALA F 81 -10.68 34.13 -11.61
CA ALA F 81 -9.87 35.19 -11.04
C ALA F 81 -9.32 34.78 -9.69
N LEU F 82 -8.14 35.30 -9.37
CA LEU F 82 -7.56 35.16 -8.03
C LEU F 82 -7.14 36.57 -7.61
N GLN F 83 -7.94 37.17 -6.73
CA GLN F 83 -7.64 38.46 -6.15
C GLN F 83 -6.71 38.25 -4.97
N MET F 84 -5.53 38.85 -5.03
CA MET F 84 -4.50 38.69 -4.01
C MET F 84 -4.33 40.02 -3.29
N GLN F 85 -4.58 40.03 -2.00
CA GLN F 85 -4.38 41.22 -1.20
C GLN F 85 -3.31 40.97 -0.16
N SER F 86 -2.79 42.07 0.37
CA SER F 86 -1.83 42.02 1.45
C SER F 86 -0.71 41.06 1.15
N LEU F 87 -0.11 41.21 -0.03
CA LEU F 87 0.87 40.26 -0.51
C LEU F 87 2.13 40.29 0.35
N LYS F 88 2.73 39.11 0.52
CA LYS F 88 3.91 38.91 1.36
C LYS F 88 5.04 38.34 0.51
N PRO F 89 6.30 38.55 0.89
CA PRO F 89 7.39 37.84 0.19
C PRO F 89 7.15 36.34 0.08
N GLU F 90 6.49 35.73 1.07
CA GLU F 90 6.28 34.28 0.98
C GLU F 90 5.28 33.90 -0.11
N ASP F 91 4.60 34.86 -0.72
CA ASP F 91 3.70 34.61 -1.84
C ASP F 91 4.41 34.58 -3.19
N THR F 92 5.70 34.91 -3.24
CA THR F 92 6.45 34.88 -4.49
C THR F 92 6.49 33.47 -5.08
N ALA F 93 6.10 33.36 -6.35
CA ALA F 93 5.98 32.06 -7.00
C ALA F 93 5.45 32.25 -8.42
N VAL F 94 5.57 31.20 -9.23
CA VAL F 94 4.78 31.11 -10.45
C VAL F 94 3.42 30.54 -10.08
N TYR F 95 2.35 31.21 -10.50
CA TYR F 95 0.99 30.80 -10.18
C TYR F 95 0.36 30.13 -11.40
N TYR F 96 -0.25 28.96 -11.18
CA TYR F 96 -0.88 28.17 -12.23
C TYR F 96 -2.37 28.03 -11.98
N CYS F 97 -3.16 28.17 -13.03
CA CYS F 97 -4.57 27.79 -12.98
C CYS F 97 -4.74 26.41 -13.61
N ALA F 98 -5.68 25.63 -13.07
CA ALA F 98 -5.88 24.25 -13.52
C ALA F 98 -7.34 23.89 -13.44
N ALA F 99 -7.76 22.95 -14.29
CA ALA F 99 -9.16 22.53 -14.39
C ALA F 99 -9.32 21.05 -14.06
N ASP F 100 -10.33 20.74 -13.23
CA ASP F 100 -10.66 19.41 -12.74
C ASP F 100 -12.07 19.10 -13.21
N TYR F 101 -12.21 18.17 -14.15
CA TYR F 101 -13.51 17.89 -14.73
C TYR F 101 -14.41 17.20 -13.72
N GLY F 102 -15.56 17.82 -13.44
CA GLY F 102 -16.54 17.22 -12.57
C GLY F 102 -17.26 18.27 -11.74
N THR F 103 -18.54 18.08 -11.51
CA THR F 103 -19.33 19.01 -10.71
C THR F 103 -19.47 18.49 -9.28
N SER F 104 -19.86 19.39 -8.39
CA SER F 104 -20.23 19.08 -7.02
C SER F 104 -19.07 18.55 -6.19
N ARG F 105 -17.84 18.85 -6.59
CA ARG F 105 -16.69 18.37 -5.85
CA ARG F 105 -16.68 18.35 -5.88
C ARG F 105 -15.52 19.31 -6.06
N TYR F 106 -14.52 19.19 -5.17
CA TYR F 106 -13.33 20.02 -5.24
C TYR F 106 -12.22 19.31 -4.49
N THR F 107 -10.98 19.49 -4.94
CA THR F 107 -9.85 18.82 -4.31
C THR F 107 -8.60 19.68 -4.35
N ARG F 108 -7.75 19.49 -3.34
CA ARG F 108 -6.41 20.07 -3.33
C ARG F 108 -5.41 19.24 -4.13
N ARG F 109 -5.77 18.02 -4.52
CA ARG F 109 -4.81 17.04 -5.03
CA ARG F 109 -4.80 17.05 -5.03
C ARG F 109 -4.53 17.31 -6.51
N GLN F 110 -3.25 17.54 -6.83
CA GLN F 110 -2.89 18.03 -8.17
C GLN F 110 -3.08 16.98 -9.26
N SER F 111 -2.95 15.70 -8.94
CA SER F 111 -3.12 14.65 -9.93
C SER F 111 -4.53 14.58 -10.50
N GLU F 112 -5.49 15.23 -9.85
CA GLU F 112 -6.86 15.17 -10.31
C GLU F 112 -7.18 16.21 -11.38
N TYR F 113 -6.30 17.15 -11.65
CA TYR F 113 -6.58 18.23 -12.60
C TYR F 113 -6.17 17.81 -14.01
N GLU F 114 -7.13 17.86 -14.93
CA GLU F 114 -6.86 17.41 -16.29
CA GLU F 114 -6.87 17.41 -16.30
C GLU F 114 -6.06 18.42 -17.09
N TYR F 115 -6.24 19.70 -16.84
CA TYR F 115 -5.61 20.73 -17.66
C TYR F 115 -4.90 21.75 -16.80
N TRP F 116 -3.76 22.22 -17.28
CA TRP F 116 -2.90 23.17 -16.57
C TRP F 116 -2.50 24.32 -17.49
N GLY F 117 -2.51 25.53 -16.94
CA GLY F 117 -1.89 26.66 -17.62
C GLY F 117 -0.39 26.58 -17.53
N GLN F 118 0.28 27.53 -18.16
CA GLN F 118 1.74 27.57 -18.16
CA GLN F 118 1.74 27.55 -18.14
C GLN F 118 2.30 28.56 -17.16
N GLY F 119 1.44 29.27 -16.42
CA GLY F 119 1.86 30.04 -15.25
C GLY F 119 2.04 31.53 -15.53
N THR F 120 1.95 32.31 -14.44
CA THR F 120 2.23 33.74 -14.45
C THR F 120 3.04 34.05 -13.19
N GLN F 121 4.12 34.80 -13.36
CA GLN F 121 5.05 35.03 -12.25
C GLN F 121 4.57 36.14 -11.34
N VAL F 122 4.60 35.88 -10.04
CA VAL F 122 4.32 36.87 -9.00
C VAL F 122 5.56 37.00 -8.12
N THR F 123 6.05 38.22 -7.96
CA THR F 123 7.20 38.48 -7.10
C THR F 123 6.82 39.60 -6.14
N VAL F 124 7.01 39.35 -4.86
CA VAL F 124 6.69 40.33 -3.82
C VAL F 124 8.01 40.71 -3.16
N SER F 125 8.37 41.97 -3.28
CA SER F 125 9.64 42.46 -2.76
C SER F 125 9.48 42.96 -1.33
N SER F 126 10.47 42.69 -0.51
CA SER F 126 10.53 43.19 0.86
C SER F 126 11.46 44.38 1.00
N ALA F 127 11.91 44.96 -0.12
CA ALA F 127 12.73 46.15 -0.10
C ALA F 127 11.85 47.37 0.19
N ALA F 128 12.43 48.33 0.91
CA ALA F 128 11.67 49.51 1.34
C ALA F 128 11.40 50.45 0.18
N ALA F 129 10.15 50.88 0.04
CA ALA F 129 9.78 51.84 -0.99
C ALA F 129 9.52 53.22 -0.38
CA GLN G 5 14.84 -14.68 12.24
C GLN G 5 14.33 -14.15 10.90
N ALA G 6 13.73 -15.05 10.10
CA ALA G 6 13.25 -14.67 8.78
C ALA G 6 11.92 -13.93 8.91
N GLN G 8 8.23 -12.49 8.74
CA GLN G 8 6.96 -13.16 8.85
CA GLN G 8 6.96 -13.17 8.82
C GLN G 8 5.79 -12.27 8.46
N GLU G 9 4.78 -12.86 7.80
CA GLU G 9 3.56 -12.12 7.51
C GLU G 9 2.79 -11.92 8.81
N TYR G 10 2.13 -10.77 8.92
CA TYR G 10 1.21 -10.54 10.04
C TYR G 10 -0.02 -9.78 9.56
N THR H 4 -26.03 -1.70 -0.29
CA THR H 4 -27.39 -1.77 -0.84
C THR H 4 -27.41 -1.57 -2.35
N GLN H 5 -26.31 -1.95 -3.03
CA GLN H 5 -26.16 -1.74 -4.47
C GLN H 5 -26.70 -2.96 -5.23
N ALA H 6 -28.01 -2.94 -5.46
CA ALA H 6 -28.68 -4.02 -6.20
C ALA H 6 -28.34 -3.94 -7.68
N GLN H 8 -27.95 -4.02 -11.68
CA GLN H 8 -28.82 -3.47 -12.72
CA GLN H 8 -28.86 -3.53 -12.71
C GLN H 8 -28.43 -3.98 -14.09
N GLU H 9 -29.41 -4.18 -14.96
CA GLU H 9 -29.14 -4.52 -16.35
C GLU H 9 -28.66 -3.27 -17.08
N TYR H 10 -27.77 -3.46 -18.04
CA TYR H 10 -27.35 -2.34 -18.87
C TYR H 10 -27.20 -2.81 -20.31
CA GLN I 5 41.20 23.74 20.25
C GLN I 5 39.75 23.47 19.85
N ALA I 6 39.44 23.56 18.56
CA ALA I 6 38.09 23.31 18.09
C ALA I 6 37.80 21.81 18.08
N GLN I 8 36.73 18.00 17.66
CA GLN I 8 36.77 17.15 16.48
CA GLN I 8 36.77 17.15 16.48
C GLN I 8 36.04 15.83 16.67
N GLU I 9 35.39 15.33 15.62
CA GLU I 9 34.76 14.03 15.67
C GLU I 9 35.80 12.93 15.58
N TYR I 10 35.58 11.84 16.32
CA TYR I 10 36.44 10.67 16.21
C TYR I 10 35.60 9.41 16.22
N THR J 4 -37.25 -20.87 32.24
CA THR J 4 -37.47 -20.82 30.80
C THR J 4 -36.18 -21.17 30.07
N GLN J 5 -36.19 -20.99 28.75
CA GLN J 5 -35.00 -21.18 27.93
C GLN J 5 -34.04 -20.01 28.15
N ALA J 6 -33.73 -19.70 29.41
CA ALA J 6 -32.81 -18.61 29.72
C ALA J 6 -31.45 -18.98 29.18
N GLN J 8 -27.57 -19.64 28.61
CA GLN J 8 -26.61 -20.21 29.53
C GLN J 8 -25.18 -19.99 29.06
N GLU J 9 -24.27 -19.79 30.00
CA GLU J 9 -22.86 -19.74 29.65
C GLU J 9 -22.36 -21.16 29.34
N TYR J 10 -21.47 -21.26 28.36
CA TYR J 10 -20.85 -22.55 28.06
C TYR J 10 -19.37 -22.35 27.78
N THR K 4 -0.92 -28.17 -3.81
CA THR K 4 -1.27 -27.38 -4.99
C THR K 4 -0.28 -27.56 -6.13
N GLN K 5 -0.62 -27.00 -7.30
CA GLN K 5 0.27 -27.04 -8.45
C GLN K 5 1.43 -26.07 -8.31
N ALA K 6 1.74 -25.67 -7.07
CA ALA K 6 2.80 -24.69 -6.82
C ALA K 6 4.15 -25.19 -7.26
N GLN K 8 8.00 -26.06 -7.48
CA GLN K 8 8.88 -26.63 -6.46
CA GLN K 8 8.87 -26.61 -6.45
C GLN K 8 10.34 -26.55 -6.86
N GLU K 9 11.21 -26.29 -5.89
CA GLU K 9 12.63 -26.37 -6.12
C GLU K 9 13.02 -27.83 -6.36
N TYR K 10 14.01 -28.04 -7.21
CA TYR K 10 14.61 -29.37 -7.37
C TYR K 10 16.12 -29.25 -7.45
N GLN L 5 -27.75 18.44 -3.15
CA GLN L 5 -26.41 17.88 -3.33
C GLN L 5 -25.32 18.92 -3.14
N ALA L 6 -24.94 19.18 -1.89
CA ALA L 6 -23.87 20.13 -1.63
C ALA L 6 -22.52 19.54 -2.01
N GLN L 8 -18.73 18.45 -2.14
CA GLN L 8 -17.88 17.83 -1.12
CA GLN L 8 -17.88 17.86 -1.10
C GLN L 8 -16.41 17.88 -1.52
N GLU L 9 -15.51 18.03 -0.54
CA GLU L 9 -14.09 17.92 -0.83
C GLU L 9 -13.75 16.44 -1.07
N TYR L 10 -12.81 16.20 -1.97
CA TYR L 10 -12.34 14.84 -2.20
C TYR L 10 -10.83 14.82 -2.40
#